data_3Q3H
#
_entry.id   3Q3H
#
_cell.length_a   80.245
_cell.length_b   94.896
_cell.length_c   176.791
_cell.angle_alpha   90.00
_cell.angle_beta   90.00
_cell.angle_gamma   90.00
#
_symmetry.space_group_name_H-M   'P 21 21 21'
#
loop_
_entity.id
_entity.type
_entity.pdbx_description
1 polymer 'HMW1C-like glycosyltransferase'
2 non-polymer "URIDINE-5'-DIPHOSPHATE"
3 non-polymer GLYCEROL
4 water water
#
_entity_poly.entity_id   1
_entity_poly.type   'polypeptide(L)'
_entity_poly.pdbx_seq_one_letter_code
;MAHHHHHHVGTMENENKPNVANFEAAVAAKDYEKACSELLLILSQLDSNFGGIQEIEFEYPAQLQDLEQEKIVYFCTRMA
TAITTLFSDPVLEISDLGVQRFLVYQRWLALIFASSPFVNADHILQTYNREPNRKNSLEIHLDSSKSSLIKFCILYLPES
NVNLNLDVMWNISPELCASLCFALQSPRFIGTSTAFNKRATILQWFPRHLDQLKNLNNIPSAISHDVYMHCSYDTSVNKH
DVKRALNHVIRRHIESEYGWKDRDVAHIGYRNNKPVMVVLLEHFHSAHSIYRTHSTSMIAAREHFYLIGLGSPSVDQAGQ
EVFDEFHLVAGDNMKQKLEFIRSVCESNGAAIFYMPSIGMDMTTIFASNTRLAPIQAIALGHPATTHSDFIEYVIVEDDY
VGSEECFSETLLRLPKDALPYVPSALAPEKVDYLLRENPEVVNIGIASTTMKLNPYFLEALKAIRDRAKVKVHFHFALGQ
SNGITHPYVERFIKSYLGDSATAHPHSPYHQYLRILHNCDMMVNPFPFGNTNGIIDMVTLGLVGVCKTGAEVHEHIDEGL
FKRLGLPEWLIANTVDEYVERAVRLAENHQERLELRRYIIENNGLNTLFTGDPRPMGQVFLEKLNAFLKEN
;
_entity_poly.pdbx_strand_id   A,B
#
loop_
_chem_comp.id
_chem_comp.type
_chem_comp.name
_chem_comp.formula
GOL non-polymer GLYCEROL 'C3 H8 O3'
UDP RNA linking URIDINE-5'-DIPHOSPHATE 'C9 H14 N2 O12 P2'
#
# COMPACT_ATOMS: atom_id res chain seq x y z
N THR A 11 45.13 -27.15 0.77
CA THR A 11 44.13 -28.00 1.51
C THR A 11 44.76 -28.98 2.55
N MET A 12 44.08 -29.15 3.71
CA MET A 12 44.39 -30.17 4.76
C MET A 12 43.23 -31.16 4.98
N GLU A 13 43.54 -32.43 5.21
CA GLU A 13 42.52 -33.46 5.51
C GLU A 13 41.73 -33.11 6.80
N ASN A 14 40.41 -33.27 6.77
CA ASN A 14 39.51 -32.97 7.94
C ASN A 14 39.34 -31.49 8.24
N GLU A 15 39.56 -30.63 7.23
CA GLU A 15 39.47 -29.18 7.44
C GLU A 15 38.02 -28.73 7.66
N ASN A 16 37.09 -29.47 7.05
CA ASN A 16 35.69 -29.09 7.03
C ASN A 16 34.73 -29.97 7.83
N LYS A 17 35.19 -30.65 8.87
CA LYS A 17 34.29 -31.46 9.69
C LYS A 17 33.73 -30.64 10.83
N PRO A 18 32.39 -30.51 10.97
CA PRO A 18 31.91 -29.78 12.15
C PRO A 18 32.37 -30.47 13.43
N ASN A 19 33.07 -29.73 14.27
CA ASN A 19 33.75 -30.33 15.45
C ASN A 19 33.73 -29.39 16.66
N VAL A 20 32.94 -29.78 17.67
CA VAL A 20 32.71 -28.97 18.84
C VAL A 20 34.02 -28.74 19.65
N ALA A 21 34.80 -29.79 19.87
CA ALA A 21 36.15 -29.58 20.47
C ALA A 21 37.06 -28.58 19.72
N ASN A 22 36.99 -28.49 18.36
CA ASN A 22 37.88 -27.60 17.57
C ASN A 22 37.36 -26.17 17.58
N PHE A 23 36.05 -26.04 17.62
CA PHE A 23 35.53 -24.74 17.89
C PHE A 23 35.95 -24.23 19.28
N GLU A 24 35.76 -25.04 20.30
CA GLU A 24 36.15 -24.65 21.65
C GLU A 24 37.63 -24.30 21.75
N ALA A 25 38.50 -25.10 21.14
CA ALA A 25 39.93 -24.84 21.20
C ALA A 25 40.31 -23.51 20.50
N ALA A 26 39.68 -23.23 19.37
CA ALA A 26 39.89 -21.97 18.68
C ALA A 26 39.47 -20.73 19.49
N VAL A 27 38.41 -20.87 20.27
CA VAL A 27 37.99 -19.80 21.17
C VAL A 27 38.93 -19.58 22.37
N ALA A 28 39.36 -20.67 23.01
CA ALA A 28 40.34 -20.63 24.08
C ALA A 28 41.67 -20.01 23.56
N ALA A 29 42.05 -20.29 22.32
CA ALA A 29 43.34 -19.86 21.75
C ALA A 29 43.26 -18.45 21.18
N LYS A 30 42.11 -17.81 21.42
CA LYS A 30 41.82 -16.47 20.92
C LYS A 30 42.07 -16.21 19.44
N ASP A 31 42.06 -17.26 18.64
CA ASP A 31 42.14 -17.20 17.18
C ASP A 31 40.74 -16.90 16.62
N TYR A 32 40.38 -15.63 16.51
CA TYR A 32 39.00 -15.27 16.19
C TYR A 32 38.57 -15.73 14.82
N GLU A 33 39.53 -15.93 13.92
CA GLU A 33 39.16 -16.32 12.59
C GLU A 33 38.81 -17.77 12.54
N LYS A 34 39.65 -18.62 13.12
CA LYS A 34 39.33 -20.04 13.18
C LYS A 34 38.07 -20.35 13.98
N ALA A 35 37.79 -19.54 15.00
CA ALA A 35 36.66 -19.79 15.87
C ALA A 35 35.39 -19.59 15.03
N CYS A 36 35.22 -18.39 14.50
CA CYS A 36 34.15 -18.10 13.56
C CYS A 36 33.90 -19.16 12.50
N SER A 37 34.95 -19.59 11.81
CA SER A 37 34.78 -20.50 10.72
C SER A 37 34.36 -21.90 11.25
N GLU A 38 34.86 -22.28 12.43
CA GLU A 38 34.54 -23.55 13.08
C GLU A 38 33.07 -23.56 13.55
N LEU A 39 32.61 -22.36 13.89
CA LEU A 39 31.31 -22.14 14.39
C LEU A 39 30.35 -22.15 13.23
N LEU A 40 30.68 -21.39 12.19
CA LEU A 40 29.87 -21.45 10.97
C LEU A 40 29.75 -22.86 10.42
N LEU A 41 30.74 -23.73 10.60
CA LEU A 41 30.65 -25.11 10.15
C LEU A 41 29.60 -25.87 10.93
N ILE A 42 29.55 -25.60 12.24
CA ILE A 42 28.58 -26.23 13.07
C ILE A 42 27.17 -25.75 12.74
N LEU A 43 26.97 -24.44 12.63
CA LEU A 43 25.64 -23.86 12.32
C LEU A 43 25.12 -24.35 10.98
N SER A 44 26.03 -24.45 10.01
CA SER A 44 25.70 -24.93 8.70
C SER A 44 25.20 -26.37 8.70
N GLN A 45 25.84 -27.18 9.53
CA GLN A 45 25.47 -28.57 9.65
C GLN A 45 24.09 -28.66 10.31
N LEU A 46 23.88 -27.88 11.36
CA LEU A 46 22.59 -27.80 12.05
C LEU A 46 21.53 -27.47 10.99
N ASP A 47 21.88 -26.57 10.06
CA ASP A 47 20.98 -26.24 8.94
C ASP A 47 20.55 -27.42 8.06
N SER A 48 21.55 -28.14 7.58
CA SER A 48 21.40 -29.30 6.74
C SER A 48 20.60 -30.37 7.43
N ASN A 49 20.86 -30.53 8.73
CA ASN A 49 20.26 -31.58 9.53
C ASN A 49 18.93 -31.21 10.08
N PHE A 50 18.49 -29.97 9.82
CA PHE A 50 17.20 -29.44 10.28
C PHE A 50 17.17 -29.40 11.76
N GLY A 51 18.32 -29.18 12.34
CA GLY A 51 18.39 -29.03 13.79
C GLY A 51 18.95 -30.24 14.47
N GLY A 52 19.03 -31.33 13.75
CA GLY A 52 19.65 -32.52 14.30
C GLY A 52 21.14 -32.33 14.49
N ILE A 53 21.75 -33.19 15.29
CA ILE A 53 23.19 -33.02 15.59
C ILE A 53 24.09 -34.12 15.04
N GLN A 54 23.51 -35.07 14.30
CA GLN A 54 24.28 -36.05 13.52
C GLN A 54 25.36 -35.34 12.72
N GLU A 55 26.47 -36.06 12.52
CA GLU A 55 27.67 -35.60 11.76
C GLU A 55 28.32 -34.29 12.31
N ILE A 56 28.06 -33.96 13.57
CA ILE A 56 28.80 -32.96 14.28
C ILE A 56 29.54 -33.72 15.34
N GLU A 57 30.85 -33.59 15.35
CA GLU A 57 31.65 -34.40 16.23
C GLU A 57 31.69 -33.80 17.66
N PHE A 58 31.34 -34.60 18.66
CA PHE A 58 31.52 -34.25 20.06
C PHE A 58 31.43 -35.43 20.98
N GLU A 59 32.09 -35.25 22.12
CA GLU A 59 32.17 -36.22 23.15
C GLU A 59 31.34 -35.81 24.36
N TYR A 60 30.89 -36.78 25.11
CA TYR A 60 30.00 -36.50 26.21
C TYR A 60 30.30 -37.42 27.34
N PRO A 61 29.93 -37.01 28.53
CA PRO A 61 30.03 -37.90 29.69
C PRO A 61 29.23 -39.18 29.51
N ALA A 62 29.80 -40.32 29.86
CA ALA A 62 29.13 -41.61 29.74
C ALA A 62 27.68 -41.61 30.20
N GLN A 63 27.36 -40.89 31.26
CA GLN A 63 25.96 -40.91 31.76
C GLN A 63 24.95 -40.55 30.70
N LEU A 64 25.36 -39.85 29.67
CA LEU A 64 24.41 -39.34 28.68
C LEU A 64 24.19 -40.26 27.50
N GLN A 65 24.92 -41.37 27.45
CA GLN A 65 24.88 -42.25 26.29
C GLN A 65 23.46 -42.51 25.79
N ASP A 66 22.56 -42.95 26.65
CA ASP A 66 21.22 -43.31 26.22
C ASP A 66 20.18 -42.27 26.50
N LEU A 67 20.61 -41.05 26.81
CA LEU A 67 19.69 -40.01 27.23
C LEU A 67 19.74 -38.89 26.22
N GLU A 68 19.08 -39.08 25.07
CA GLU A 68 19.21 -38.18 23.88
C GLU A 68 18.83 -36.70 24.09
N GLN A 69 17.65 -36.39 24.65
CA GLN A 69 17.36 -35.01 25.00
C GLN A 69 18.46 -34.41 25.88
N GLU A 70 18.91 -35.18 26.87
CA GLU A 70 19.93 -34.67 27.75
C GLU A 70 21.24 -34.53 26.92
N LYS A 71 21.51 -35.41 26.01
CA LYS A 71 22.70 -35.22 25.16
C LYS A 71 22.63 -33.95 24.27
N ILE A 72 21.42 -33.53 23.88
CA ILE A 72 21.19 -32.39 23.04
C ILE A 72 21.28 -31.09 23.83
N VAL A 73 20.83 -31.13 25.07
CA VAL A 73 20.89 -29.97 25.93
C VAL A 73 22.36 -29.77 26.32
N TYR A 74 23.08 -30.85 26.50
CA TYR A 74 24.49 -30.76 26.80
C TYR A 74 25.26 -30.12 25.60
N PHE A 75 24.90 -30.52 24.39
CA PHE A 75 25.47 -29.95 23.22
C PHE A 75 25.20 -28.47 23.21
N CYS A 76 23.95 -28.06 23.45
CA CYS A 76 23.61 -26.66 23.26
C CYS A 76 24.27 -25.87 24.36
N THR A 77 24.48 -26.51 25.49
CA THR A 77 25.11 -25.80 26.55
C THR A 77 26.59 -25.56 26.24
N ARG A 78 27.30 -26.59 25.82
CA ARG A 78 28.68 -26.34 25.43
C ARG A 78 28.77 -25.26 24.37
N MET A 79 27.83 -25.27 23.39
CA MET A 79 27.90 -24.34 22.27
C MET A 79 27.63 -22.94 22.77
N ALA A 80 26.68 -22.77 23.68
CA ALA A 80 26.37 -21.44 24.20
C ALA A 80 27.49 -20.89 25.08
N THR A 81 28.16 -21.70 25.87
CA THR A 81 29.28 -21.20 26.64
C THR A 81 30.42 -20.73 25.70
N ALA A 82 30.88 -21.57 24.80
CA ALA A 82 31.87 -21.16 23.77
C ALA A 82 31.44 -19.98 22.94
N ILE A 83 30.15 -19.89 22.54
CA ILE A 83 29.68 -18.67 21.84
C ILE A 83 29.74 -17.42 22.71
N THR A 84 29.48 -17.58 24.01
CA THR A 84 29.50 -16.50 25.00
C THR A 84 30.90 -15.87 25.18
N THR A 85 31.90 -16.71 25.30
CA THR A 85 33.28 -16.31 25.48
C THR A 85 33.67 -15.55 24.22
N LEU A 86 33.28 -16.09 23.07
CA LEU A 86 33.77 -15.62 21.81
C LEU A 86 33.18 -14.27 21.45
N PHE A 87 31.87 -14.13 21.60
CA PHE A 87 31.20 -12.91 21.28
C PHE A 87 31.25 -11.89 22.40
N SER A 88 31.71 -12.29 23.58
CA SER A 88 31.80 -11.32 24.67
C SER A 88 33.13 -10.58 24.65
N ASP A 89 34.13 -11.19 23.98
CA ASP A 89 35.43 -10.60 23.75
C ASP A 89 35.35 -9.35 22.89
N PRO A 90 35.71 -8.20 23.48
CA PRO A 90 35.65 -6.88 22.81
C PRO A 90 36.44 -6.76 21.48
N VAL A 91 37.40 -7.66 21.25
CA VAL A 91 38.32 -7.63 20.12
C VAL A 91 37.71 -8.27 18.90
N LEU A 92 36.79 -9.21 19.11
CA LEU A 92 36.17 -9.95 17.99
C LEU A 92 35.65 -8.99 16.91
N GLU A 93 36.07 -9.27 15.68
CA GLU A 93 35.57 -8.50 14.53
C GLU A 93 35.25 -9.48 13.43
N ILE A 94 34.00 -9.40 12.98
CA ILE A 94 33.49 -10.37 12.05
C ILE A 94 33.62 -9.84 10.64
N SER A 95 34.25 -10.65 9.77
CA SER A 95 34.31 -10.35 8.32
C SER A 95 32.90 -10.09 7.82
N ASP A 96 32.77 -9.24 6.82
CA ASP A 96 31.43 -8.88 6.35
C ASP A 96 30.77 -10.03 5.55
N LEU A 97 31.60 -10.87 4.91
CA LEU A 97 31.10 -12.17 4.49
C LEU A 97 30.44 -12.78 5.75
N GLY A 98 31.25 -13.07 6.76
CA GLY A 98 30.83 -13.69 8.03
C GLY A 98 29.52 -13.20 8.59
N VAL A 99 29.32 -11.88 8.62
CA VAL A 99 28.06 -11.33 9.09
C VAL A 99 26.86 -11.87 8.32
N GLN A 100 27.01 -11.99 7.00
CA GLN A 100 25.88 -12.39 6.19
C GLN A 100 25.52 -13.84 6.48
N ARG A 101 26.54 -14.65 6.75
CA ARG A 101 26.35 -16.05 7.11
C ARG A 101 25.72 -16.20 8.51
N PHE A 102 26.21 -15.43 9.47
CA PHE A 102 25.64 -15.49 10.80
C PHE A 102 24.18 -15.12 10.87
N LEU A 103 23.75 -14.16 10.06
CA LEU A 103 22.36 -13.78 10.09
C LEU A 103 21.49 -14.81 9.36
N VAL A 104 22.08 -15.50 8.41
CA VAL A 104 21.41 -16.54 7.68
C VAL A 104 21.20 -17.76 8.56
N TYR A 105 22.18 -18.03 9.43
CA TYR A 105 22.06 -19.09 10.41
C TYR A 105 21.54 -18.61 11.75
N GLN A 106 21.02 -17.39 11.82
CA GLN A 106 20.59 -16.94 13.15
C GLN A 106 19.65 -17.91 13.91
N ARG A 107 18.80 -18.59 13.18
CA ARG A 107 17.75 -19.35 13.86
C ARG A 107 18.41 -20.52 14.59
N TRP A 108 19.59 -20.90 14.14
CA TRP A 108 20.29 -22.03 14.76
C TRP A 108 21.01 -21.64 16.04
N LEU A 109 21.45 -20.39 16.12
CA LEU A 109 21.95 -19.83 17.38
C LEU A 109 20.79 -19.65 18.33
N ALA A 110 19.70 -19.10 17.83
CA ALA A 110 18.49 -18.99 18.60
C ALA A 110 18.20 -20.33 19.31
N LEU A 111 18.20 -21.42 18.56
CA LEU A 111 17.90 -22.73 19.17
C LEU A 111 19.00 -23.24 20.14
N ILE A 112 20.26 -22.96 19.80
CA ILE A 112 21.39 -23.26 20.68
C ILE A 112 21.15 -22.70 22.06
N PHE A 113 20.82 -21.41 22.14
CA PHE A 113 20.54 -20.74 23.39
C PHE A 113 19.21 -21.06 24.08
N ALA A 114 18.16 -21.31 23.28
CA ALA A 114 16.80 -21.51 23.80
C ALA A 114 16.65 -22.91 24.37
N SER A 115 17.38 -23.87 23.81
CA SER A 115 17.46 -25.25 24.35
C SER A 115 18.56 -25.43 25.41
N SER A 116 19.32 -24.37 25.67
CA SER A 116 20.24 -24.43 26.79
C SER A 116 19.45 -23.77 27.90
N PRO A 117 19.97 -23.82 29.15
CA PRO A 117 19.37 -23.08 30.26
C PRO A 117 19.45 -21.56 30.15
N PHE A 118 20.32 -21.03 29.30
CA PHE A 118 20.40 -19.58 29.17
C PHE A 118 19.18 -18.89 28.55
N VAL A 119 18.39 -19.59 27.73
CA VAL A 119 17.17 -19.02 27.16
C VAL A 119 17.49 -18.12 25.98
N ASN A 120 18.47 -17.23 26.15
CA ASN A 120 18.82 -16.28 25.10
C ASN A 120 20.22 -15.77 25.34
N ALA A 121 20.66 -14.85 24.50
CA ALA A 121 22.00 -14.35 24.53
C ALA A 121 22.01 -12.87 25.02
N ASP A 122 21.05 -12.49 25.84
CA ASP A 122 21.04 -11.15 26.41
C ASP A 122 22.24 -10.83 27.30
N HIS A 123 22.77 -11.87 27.96
CA HIS A 123 23.93 -11.74 28.83
C HIS A 123 25.15 -11.38 28.00
N ILE A 124 25.17 -11.80 26.73
CA ILE A 124 26.19 -11.31 25.81
C ILE A 124 25.87 -9.87 25.42
N LEU A 125 24.62 -9.64 25.11
CA LEU A 125 24.22 -8.36 24.64
C LEU A 125 24.61 -7.28 25.67
N GLN A 126 24.43 -7.59 26.96
CA GLN A 126 24.65 -6.61 28.03
C GLN A 126 26.13 -6.22 28.11
N THR A 127 27.03 -7.05 27.61
CA THR A 127 28.45 -6.71 27.64
C THR A 127 28.75 -5.62 26.60
N TYR A 128 27.78 -5.33 25.74
CA TYR A 128 27.96 -4.36 24.67
C TYR A 128 27.43 -2.99 25.11
N ASN A 129 26.90 -2.91 26.32
CA ASN A 129 26.40 -1.62 26.78
C ASN A 129 27.55 -0.68 27.22
N ARG A 130 27.38 0.63 27.00
CA ARG A 130 28.46 1.62 27.25
C ARG A 130 28.06 2.79 28.15
N GLU A 131 26.77 2.89 28.48
CA GLU A 131 26.21 4.01 29.21
C GLU A 131 25.73 3.57 30.59
N PRO A 132 26.64 3.52 31.61
CA PRO A 132 26.35 3.14 33.02
C PRO A 132 25.19 3.86 33.74
N ASN A 133 24.56 4.79 33.03
CA ASN A 133 23.27 5.38 33.37
C ASN A 133 22.16 4.32 33.65
N ARG A 134 21.29 4.15 32.65
CA ARG A 134 20.14 3.23 32.68
C ARG A 134 19.27 3.23 33.99
N LYS A 135 18.10 3.90 33.94
CA LYS A 135 17.45 4.38 32.71
C LYS A 135 17.16 3.22 31.73
N ASN A 136 16.52 2.18 32.29
CA ASN A 136 16.10 0.97 31.56
C ASN A 136 17.31 0.09 31.18
N SER A 137 17.59 -0.93 32.00
CA SER A 137 18.69 -1.89 31.68
C SER A 137 18.35 -2.89 30.57
N LEU A 138 17.13 -2.83 30.05
CA LEU A 138 16.72 -3.57 28.86
C LEU A 138 17.05 -2.82 27.57
N GLU A 139 17.51 -1.58 27.69
CA GLU A 139 18.00 -0.89 26.51
C GLU A 139 19.49 -1.00 26.43
N ILE A 140 20.00 -1.30 25.25
CA ILE A 140 21.44 -1.35 25.13
C ILE A 140 22.03 -0.29 24.21
N HIS A 141 22.87 0.55 24.82
CA HIS A 141 23.50 1.71 24.17
C HIS A 141 24.92 1.33 23.73
N LEU A 142 25.10 1.22 22.44
CA LEU A 142 26.35 0.74 21.90
C LEU A 142 27.25 1.90 21.57
N ASP A 143 28.54 1.60 21.43
CA ASP A 143 29.45 2.57 20.82
C ASP A 143 28.91 2.87 19.41
N SER A 144 29.59 3.70 18.62
CA SER A 144 29.08 3.97 17.25
C SER A 144 29.82 3.18 16.18
N SER A 145 30.79 2.37 16.61
CA SER A 145 31.38 1.38 15.72
C SER A 145 30.29 0.60 14.97
N LYS A 146 30.47 0.45 13.66
CA LYS A 146 29.54 -0.34 12.86
C LYS A 146 29.61 -1.78 13.35
N SER A 147 30.81 -2.19 13.80
CA SER A 147 31.05 -3.55 14.23
C SER A 147 30.20 -3.98 15.41
N SER A 148 29.99 -3.05 16.33
CA SER A 148 29.18 -3.36 17.46
C SER A 148 27.71 -3.51 17.10
N LEU A 149 27.26 -2.79 16.08
CA LEU A 149 25.87 -2.90 15.65
C LEU A 149 25.61 -4.27 15.08
N ILE A 150 26.54 -4.71 14.24
CA ILE A 150 26.52 -6.01 13.67
C ILE A 150 26.33 -6.99 14.84
N LYS A 151 27.39 -7.23 15.61
CA LYS A 151 27.35 -8.19 16.72
C LYS A 151 26.04 -8.19 17.51
N PHE A 152 25.55 -7.03 17.86
CA PHE A 152 24.27 -6.93 18.48
C PHE A 152 23.15 -7.69 17.69
N CYS A 153 23.11 -7.50 16.37
CA CYS A 153 22.06 -8.04 15.53
C CYS A 153 22.17 -9.58 15.53
N ILE A 154 23.37 -10.07 15.27
CA ILE A 154 23.61 -11.48 15.29
C ILE A 154 22.97 -12.11 16.56
N LEU A 155 23.00 -11.39 17.67
CA LEU A 155 22.67 -12.00 18.96
C LEU A 155 21.35 -11.51 19.47
N TYR A 156 20.73 -10.70 18.64
CA TYR A 156 19.38 -10.29 18.90
C TYR A 156 18.45 -11.45 18.52
N LEU A 157 18.17 -12.36 19.48
CA LEU A 157 17.48 -13.63 19.15
C LEU A 157 15.97 -13.48 19.28
N PRO A 158 15.18 -14.36 18.66
CA PRO A 158 13.74 -14.22 18.91
C PRO A 158 13.38 -14.20 20.39
N GLU A 159 14.08 -14.97 21.21
CA GLU A 159 13.82 -14.98 22.64
C GLU A 159 14.36 -13.79 23.41
N SER A 160 14.92 -12.81 22.73
CA SER A 160 15.61 -11.71 23.44
C SER A 160 14.63 -10.86 24.22
N ASN A 161 15.01 -10.42 25.43
CA ASN A 161 14.22 -9.49 26.24
C ASN A 161 14.62 -8.03 26.08
N VAL A 162 15.69 -7.79 25.34
CA VAL A 162 16.30 -6.47 25.22
C VAL A 162 15.43 -5.64 24.30
N ASN A 163 15.44 -4.32 24.43
CA ASN A 163 14.58 -3.51 23.57
C ASN A 163 15.11 -3.35 22.17
N LEU A 164 14.20 -3.24 21.22
CA LEU A 164 14.63 -2.95 19.88
C LEU A 164 13.76 -1.89 19.26
N ASN A 165 14.40 -0.83 18.76
CA ASN A 165 13.68 0.21 18.03
C ASN A 165 14.05 0.10 16.56
N LEU A 166 13.08 -0.35 15.77
CA LEU A 166 13.30 -0.64 14.35
C LEU A 166 13.52 0.62 13.47
N ASP A 167 12.68 1.63 13.67
CA ASP A 167 12.79 2.89 12.93
C ASP A 167 14.21 3.47 13.03
N VAL A 168 14.74 3.60 14.26
CA VAL A 168 16.10 4.12 14.45
C VAL A 168 17.10 3.19 13.80
N MET A 169 16.94 1.91 14.09
CA MET A 169 17.68 0.87 13.40
C MET A 169 17.79 1.04 11.89
N TRP A 170 16.63 1.11 11.23
CA TRP A 170 16.50 1.21 9.74
C TRP A 170 17.04 2.53 9.16
N ASN A 171 17.15 3.57 9.98
CA ASN A 171 17.85 4.80 9.60
C ASN A 171 19.34 4.60 9.50
N ILE A 172 19.92 4.09 10.59
CA ILE A 172 21.35 3.74 10.63
C ILE A 172 21.68 2.83 9.44
N SER A 173 21.31 1.55 9.48
CA SER A 173 21.52 0.65 8.31
C SER A 173 20.30 -0.13 7.92
N PRO A 174 19.60 0.32 6.86
CA PRO A 174 18.48 -0.39 6.22
C PRO A 174 18.75 -1.89 6.05
N GLU A 175 19.82 -2.22 5.34
CA GLU A 175 20.18 -3.59 5.01
C GLU A 175 20.49 -4.52 6.19
N LEU A 176 21.19 -4.01 7.21
CA LEU A 176 21.40 -4.76 8.43
C LEU A 176 20.04 -5.07 9.02
N CYS A 177 19.21 -4.04 9.05
CA CYS A 177 17.95 -4.13 9.73
C CYS A 177 16.99 -5.04 8.98
N ALA A 178 17.12 -5.12 7.66
CA ALA A 178 16.26 -6.02 6.89
C ALA A 178 16.79 -7.45 7.05
N SER A 179 18.08 -7.57 7.30
CA SER A 179 18.67 -8.88 7.56
C SER A 179 18.20 -9.40 8.90
N LEU A 180 17.94 -8.50 9.84
CA LEU A 180 17.48 -8.92 11.11
C LEU A 180 16.10 -9.47 10.89
N CYS A 181 15.19 -8.63 10.38
CA CYS A 181 13.81 -8.99 10.12
C CYS A 181 13.69 -10.37 9.48
N PHE A 182 14.53 -10.62 8.47
CA PHE A 182 14.56 -11.92 7.87
C PHE A 182 14.87 -13.02 8.88
N ALA A 183 15.97 -12.86 9.62
CA ALA A 183 16.40 -13.85 10.56
C ALA A 183 15.30 -14.17 11.55
N LEU A 184 14.62 -13.13 12.03
CA LEU A 184 13.65 -13.25 13.11
C LEU A 184 12.32 -13.85 12.62
N GLN A 185 12.13 -13.88 11.29
CA GLN A 185 10.99 -14.51 10.65
C GLN A 185 11.30 -15.96 10.24
N SER A 186 12.58 -16.31 10.12
CA SER A 186 12.98 -17.59 9.55
C SER A 186 12.91 -18.91 10.39
N PRO A 187 12.81 -18.83 11.73
CA PRO A 187 12.71 -20.06 12.51
C PRO A 187 11.42 -20.80 12.19
N ARG A 188 11.52 -22.13 12.22
CA ARG A 188 10.37 -23.05 12.10
C ARG A 188 9.61 -23.20 13.40
N PHE A 189 10.15 -22.68 14.49
CA PHE A 189 9.36 -22.63 15.70
C PHE A 189 9.45 -21.21 16.23
N ILE A 190 8.28 -20.56 16.34
CA ILE A 190 8.10 -19.15 16.79
C ILE A 190 6.80 -19.19 17.62
N GLY A 191 6.92 -19.69 18.84
CA GLY A 191 5.75 -20.15 19.49
C GLY A 191 5.55 -19.50 20.80
N THR A 192 6.65 -19.29 21.53
CA THR A 192 6.59 -18.55 22.81
C THR A 192 6.01 -17.14 22.57
N SER A 193 5.50 -16.56 23.65
CA SER A 193 5.04 -15.17 23.68
C SER A 193 6.14 -14.20 23.21
N THR A 194 7.29 -14.24 23.88
CA THR A 194 8.42 -13.37 23.50
C THR A 194 8.75 -13.43 21.99
N ALA A 195 9.03 -14.60 21.42
CA ALA A 195 9.34 -14.72 19.99
C ALA A 195 8.17 -14.35 19.07
N PHE A 196 6.97 -14.82 19.42
CA PHE A 196 5.79 -14.62 18.58
C PHE A 196 5.44 -13.13 18.47
N ASN A 197 5.55 -12.42 19.60
CA ASN A 197 5.20 -11.00 19.66
C ASN A 197 6.13 -10.20 18.78
N LYS A 198 7.40 -10.61 18.80
CA LYS A 198 8.45 -9.99 18.00
C LYS A 198 8.14 -10.15 16.52
N ARG A 199 7.91 -11.38 16.10
CA ARG A 199 7.61 -11.65 14.73
C ARG A 199 6.31 -10.91 14.28
N ALA A 200 5.35 -10.77 15.19
CA ALA A 200 4.07 -10.13 14.87
C ALA A 200 4.32 -8.67 14.53
N THR A 201 5.22 -8.07 15.28
CA THR A 201 5.62 -6.67 15.11
C THR A 201 6.25 -6.58 13.74
N ILE A 202 7.24 -7.42 13.48
CA ILE A 202 7.82 -7.35 12.17
C ILE A 202 6.73 -7.40 11.11
N LEU A 203 5.81 -8.34 11.17
CA LEU A 203 4.79 -8.45 10.10
C LEU A 203 4.01 -7.16 9.83
N GLN A 204 3.90 -6.26 10.82
CA GLN A 204 3.17 -4.99 10.64
C GLN A 204 4.12 -3.88 10.16
N TRP A 205 5.36 -3.94 10.64
CA TRP A 205 6.30 -2.87 10.43
C TRP A 205 7.16 -3.07 9.20
N PHE A 206 7.69 -4.28 9.04
CA PHE A 206 8.64 -4.56 7.97
C PHE A 206 8.18 -4.42 6.49
N PRO A 207 6.93 -4.77 6.18
CA PRO A 207 6.63 -4.79 4.74
C PRO A 207 6.91 -3.46 4.03
N ARG A 208 6.34 -2.37 4.53
CA ARG A 208 6.48 -1.06 3.84
C ARG A 208 7.95 -0.67 3.72
N HIS A 209 8.81 -1.24 4.58
CA HIS A 209 10.24 -1.00 4.55
C HIS A 209 10.94 -1.86 3.56
N LEU A 210 10.60 -3.15 3.52
CA LEU A 210 11.13 -4.06 2.52
C LEU A 210 10.71 -3.63 1.09
N ASP A 211 9.52 -3.05 0.96
CA ASP A 211 9.05 -2.55 -0.36
C ASP A 211 10.00 -1.48 -0.93
N GLN A 212 10.80 -0.84 -0.06
CA GLN A 212 11.77 0.18 -0.48
C GLN A 212 13.07 -0.41 -0.91
N LEU A 213 13.25 -1.71 -0.68
CA LEU A 213 14.49 -2.39 -1.04
C LEU A 213 14.63 -2.54 -2.55
N LYS A 214 15.86 -2.68 -3.01
CA LYS A 214 16.16 -2.56 -4.44
C LYS A 214 16.40 -3.92 -5.10
N ASN A 215 16.76 -4.91 -4.28
CA ASN A 215 17.13 -6.27 -4.72
C ASN A 215 17.61 -7.10 -3.49
N LEU A 216 18.22 -8.26 -3.71
CA LEU A 216 18.47 -9.28 -2.67
C LEU A 216 19.97 -9.45 -2.33
N ASN A 217 20.74 -8.41 -2.64
CA ASN A 217 22.18 -8.55 -2.64
C ASN A 217 22.74 -8.48 -1.23
N ASN A 218 22.20 -7.60 -0.41
CA ASN A 218 22.80 -7.40 0.87
C ASN A 218 21.95 -7.84 2.10
N ILE A 219 20.79 -8.43 1.81
CA ILE A 219 19.98 -9.19 2.77
C ILE A 219 20.21 -10.72 2.67
N PRO A 220 19.84 -11.49 3.72
CA PRO A 220 20.01 -12.93 3.69
C PRO A 220 18.92 -13.53 2.80
N SER A 221 19.24 -13.72 1.52
CA SER A 221 18.26 -14.15 0.55
C SER A 221 17.94 -15.66 0.58
N ALA A 222 18.85 -16.46 1.14
CA ALA A 222 18.68 -17.92 1.15
C ALA A 222 17.58 -18.42 2.10
N ILE A 223 16.94 -17.52 2.83
CA ILE A 223 15.84 -17.90 3.64
C ILE A 223 14.60 -17.08 3.32
N SER A 224 14.50 -16.56 2.09
CA SER A 224 13.34 -15.79 1.69
C SER A 224 12.08 -16.68 1.59
N HIS A 225 12.28 -17.95 1.24
CA HIS A 225 11.18 -18.88 1.15
C HIS A 225 10.57 -19.06 2.54
N ASP A 226 11.43 -19.06 3.55
CA ASP A 226 11.01 -19.14 4.94
C ASP A 226 10.27 -17.88 5.33
N VAL A 227 10.81 -16.71 4.95
CA VAL A 227 10.10 -15.48 5.27
C VAL A 227 8.71 -15.52 4.61
N TYR A 228 8.67 -16.01 3.37
CA TYR A 228 7.51 -16.03 2.54
C TYR A 228 6.41 -16.94 3.11
N MET A 229 6.80 -18.13 3.58
CA MET A 229 5.85 -19.09 4.13
C MET A 229 5.40 -18.77 5.55
N HIS A 230 6.34 -18.34 6.40
CA HIS A 230 6.13 -18.35 7.84
C HIS A 230 5.16 -17.28 8.26
N CYS A 231 4.99 -16.25 7.46
CA CYS A 231 4.01 -15.25 7.82
C CYS A 231 2.63 -15.81 8.02
N SER A 232 2.29 -16.90 7.34
CA SER A 232 0.98 -17.55 7.47
C SER A 232 0.65 -18.03 8.85
N TYR A 233 1.64 -18.19 9.72
CA TYR A 233 1.37 -18.73 11.03
C TYR A 233 1.08 -17.71 12.11
N ASP A 234 1.12 -16.43 11.75
CA ASP A 234 0.73 -15.34 12.63
C ASP A 234 -0.79 -15.24 12.65
N THR A 235 -1.34 -14.47 13.58
CA THR A 235 -2.79 -14.36 13.71
C THR A 235 -3.47 -13.10 13.13
N SER A 236 -2.69 -12.13 12.65
CA SER A 236 -3.28 -10.90 12.13
C SER A 236 -3.99 -11.10 10.78
N VAL A 237 -4.92 -10.22 10.46
CA VAL A 237 -5.61 -10.21 9.18
C VAL A 237 -4.65 -9.90 8.04
N ASN A 238 -3.71 -9.01 8.28
CA ASN A 238 -2.84 -8.57 7.19
C ASN A 238 -1.45 -9.19 7.20
N LYS A 239 -1.37 -10.42 7.71
CA LYS A 239 -0.11 -11.15 7.89
C LYS A 239 0.65 -11.41 6.61
N HIS A 240 -0.02 -11.43 5.48
CA HIS A 240 0.68 -11.73 4.24
C HIS A 240 1.32 -10.53 3.55
N ASP A 241 1.07 -9.32 4.06
CA ASP A 241 1.65 -8.09 3.45
C ASP A 241 3.13 -8.19 3.20
N VAL A 242 3.87 -8.85 4.05
CA VAL A 242 5.28 -9.05 3.70
C VAL A 242 5.53 -9.77 2.36
N LYS A 243 4.59 -10.59 1.88
CA LYS A 243 4.80 -11.33 0.61
C LYS A 243 4.71 -10.43 -0.61
N ARG A 244 3.84 -9.42 -0.50
CA ARG A 244 3.62 -8.43 -1.55
C ARG A 244 4.87 -7.69 -1.72
N ALA A 245 5.41 -7.24 -0.59
CA ALA A 245 6.66 -6.51 -0.64
C ALA A 245 7.75 -7.41 -1.21
N LEU A 246 7.83 -8.62 -0.69
CA LEU A 246 8.93 -9.49 -1.07
C LEU A 246 8.86 -9.76 -2.57
N ASN A 247 7.65 -9.88 -3.12
CA ASN A 247 7.50 -10.08 -4.54
C ASN A 247 8.13 -8.92 -5.35
N HIS A 248 7.82 -7.68 -4.97
CA HIS A 248 8.38 -6.52 -5.69
C HIS A 248 9.91 -6.56 -5.73
N VAL A 249 10.54 -6.70 -4.55
CA VAL A 249 11.99 -6.88 -4.51
C VAL A 249 12.48 -8.02 -5.38
N ILE A 250 11.78 -9.15 -5.38
CA ILE A 250 12.21 -10.23 -6.28
C ILE A 250 12.02 -9.79 -7.72
N ARG A 251 10.85 -9.22 -8.04
CA ARG A 251 10.62 -8.70 -9.38
C ARG A 251 11.77 -7.76 -9.69
N ARG A 252 12.02 -6.71 -8.89
CA ARG A 252 13.19 -5.81 -9.16
C ARG A 252 14.45 -6.60 -9.31
N HIS A 253 14.70 -7.57 -8.43
CA HIS A 253 15.93 -8.35 -8.55
C HIS A 253 16.09 -8.96 -9.92
N ILE A 254 15.06 -9.61 -10.45
CA ILE A 254 15.31 -10.49 -11.62
C ILE A 254 15.48 -9.74 -12.94
N GLU A 255 14.75 -8.62 -13.04
CA GLU A 255 15.00 -7.56 -14.02
C GLU A 255 16.42 -6.95 -13.88
N SER A 256 16.81 -6.57 -12.66
CA SER A 256 18.08 -5.85 -12.45
C SER A 256 19.34 -6.74 -12.43
N GLU A 257 19.32 -7.81 -11.66
CA GLU A 257 20.46 -8.74 -11.62
C GLU A 257 20.51 -9.76 -12.74
N TYR A 258 19.35 -10.12 -13.28
CA TYR A 258 19.32 -11.18 -14.32
C TYR A 258 19.00 -10.69 -15.72
N GLY A 259 18.62 -9.41 -15.84
CA GLY A 259 18.08 -8.92 -17.11
C GLY A 259 17.03 -9.88 -17.60
N TRP A 260 15.98 -10.06 -16.81
CA TRP A 260 14.94 -11.01 -17.15
C TRP A 260 13.94 -10.43 -18.18
N LYS A 261 13.60 -11.22 -19.21
CA LYS A 261 12.46 -10.78 -20.04
C LYS A 261 11.25 -11.71 -20.05
N ASP A 262 10.11 -11.19 -19.62
CA ASP A 262 8.84 -11.88 -19.83
C ASP A 262 8.66 -12.37 -21.27
N ARG A 263 7.87 -13.43 -21.45
CA ARG A 263 7.55 -13.98 -22.77
C ARG A 263 6.45 -13.14 -23.46
N ASP A 264 6.35 -13.24 -24.78
CA ASP A 264 5.13 -12.75 -25.46
C ASP A 264 4.10 -13.87 -25.34
N VAL A 265 3.02 -13.61 -24.63
CA VAL A 265 2.06 -14.66 -24.35
C VAL A 265 0.79 -14.53 -25.22
N ALA A 266 0.90 -13.76 -26.31
CA ALA A 266 -0.22 -13.55 -27.23
C ALA A 266 -0.51 -14.80 -28.09
N HIS A 267 0.52 -15.58 -28.41
CA HIS A 267 0.41 -16.81 -29.19
C HIS A 267 0.66 -18.06 -28.31
N ILE A 268 -0.16 -19.09 -28.48
CA ILE A 268 0.06 -20.37 -27.80
C ILE A 268 0.44 -21.45 -28.81
N GLY A 269 1.13 -22.48 -28.35
CA GLY A 269 1.54 -23.61 -29.21
C GLY A 269 0.70 -24.85 -28.90
N TYR A 270 1.03 -25.97 -29.54
CA TYR A 270 0.17 -27.14 -29.46
C TYR A 270 1.02 -28.41 -29.45
N ARG A 271 0.60 -29.39 -28.66
CA ARG A 271 1.25 -30.71 -28.66
C ARG A 271 0.13 -31.72 -28.68
N ASN A 272 0.27 -32.77 -29.49
CA ASN A 272 -0.82 -33.73 -29.80
C ASN A 272 -2.22 -33.10 -29.91
N ASN A 273 -2.26 -31.96 -30.62
CA ASN A 273 -3.47 -31.13 -30.86
C ASN A 273 -4.17 -30.51 -29.62
N LYS A 274 -3.45 -30.44 -28.50
CA LYS A 274 -3.90 -29.77 -27.29
C LYS A 274 -2.87 -28.70 -26.90
N PRO A 275 -3.36 -27.60 -26.29
CA PRO A 275 -2.56 -26.54 -25.71
C PRO A 275 -1.76 -27.06 -24.51
N VAL A 276 -0.69 -26.34 -24.17
CA VAL A 276 0.32 -26.87 -23.28
C VAL A 276 0.24 -26.29 -21.87
N MET A 277 0.15 -27.19 -20.90
CA MET A 277 0.21 -26.80 -19.51
C MET A 277 1.61 -27.17 -19.00
N VAL A 278 2.41 -26.19 -18.61
CA VAL A 278 3.72 -26.49 -17.97
C VAL A 278 3.54 -26.32 -16.46
N VAL A 279 3.98 -27.30 -15.69
CA VAL A 279 3.71 -27.32 -14.25
C VAL A 279 5.04 -27.34 -13.56
N LEU A 280 5.31 -26.32 -12.74
CA LEU A 280 6.62 -26.30 -12.05
C LEU A 280 6.38 -26.83 -10.66
N LEU A 281 7.12 -27.91 -10.32
CA LEU A 281 6.86 -28.72 -9.11
C LEU A 281 7.86 -28.45 -7.99
N GLU A 282 7.36 -28.44 -6.75
CA GLU A 282 8.10 -28.48 -5.48
C GLU A 282 7.69 -29.73 -4.69
N HIS A 283 8.66 -30.49 -4.20
CA HIS A 283 8.34 -31.51 -3.20
C HIS A 283 7.14 -32.34 -3.65
N PHE A 284 7.24 -33.02 -4.79
CA PHE A 284 6.14 -33.75 -5.40
C PHE A 284 6.28 -35.29 -5.45
N HIS A 285 6.96 -35.86 -4.49
CA HIS A 285 7.05 -37.31 -4.39
C HIS A 285 5.70 -37.98 -4.10
N SER A 286 5.47 -39.19 -4.60
CA SER A 286 4.19 -39.83 -4.41
C SER A 286 3.83 -40.26 -2.96
N ALA A 287 4.78 -40.26 -2.05
CA ALA A 287 4.47 -40.55 -0.66
C ALA A 287 4.13 -39.27 0.07
N HIS A 288 4.07 -38.15 -0.65
CA HIS A 288 3.85 -36.89 0.03
C HIS A 288 2.56 -36.19 -0.30
N SER A 289 2.19 -35.20 0.50
CA SER A 289 0.81 -34.75 0.44
C SER A 289 0.41 -33.94 -0.81
N ILE A 290 1.38 -33.32 -1.49
CA ILE A 290 1.06 -32.60 -2.72
C ILE A 290 0.56 -33.57 -3.79
N TYR A 291 1.25 -34.68 -3.95
CA TYR A 291 0.84 -35.68 -4.88
C TYR A 291 -0.53 -36.30 -4.47
N ARG A 292 -0.70 -36.57 -3.18
CA ARG A 292 -1.94 -37.14 -2.67
C ARG A 292 -3.17 -36.26 -2.94
N THR A 293 -2.99 -34.93 -2.88
CA THR A 293 -4.09 -34.01 -3.05
C THR A 293 -4.27 -33.54 -4.50
N HIS A 294 -3.18 -33.48 -5.28
CA HIS A 294 -3.24 -32.87 -6.60
C HIS A 294 -2.90 -33.69 -7.81
N SER A 295 -2.44 -34.91 -7.62
CA SER A 295 -2.11 -35.69 -8.80
C SER A 295 -3.34 -35.96 -9.69
N THR A 296 -4.44 -36.40 -9.09
CA THR A 296 -5.59 -36.81 -9.89
C THR A 296 -6.18 -35.67 -10.72
N SER A 297 -6.23 -34.46 -10.14
CA SER A 297 -6.71 -33.33 -10.93
C SER A 297 -5.76 -33.01 -12.07
N MET A 298 -4.48 -33.30 -11.90
CA MET A 298 -3.52 -33.05 -12.96
C MET A 298 -3.60 -34.14 -14.02
N ILE A 299 -3.62 -35.39 -13.59
CA ILE A 299 -3.93 -36.51 -14.49
C ILE A 299 -5.18 -36.19 -15.37
N ALA A 300 -6.30 -35.80 -14.78
CA ALA A 300 -7.51 -35.56 -15.58
C ALA A 300 -7.38 -34.37 -16.52
N ALA A 301 -6.59 -33.38 -16.14
CA ALA A 301 -6.31 -32.26 -17.02
C ALA A 301 -5.72 -32.69 -18.37
N ARG A 302 -5.31 -33.96 -18.48
CA ARG A 302 -4.74 -34.42 -19.74
C ARG A 302 -5.79 -34.70 -20.87
N GLU A 303 -7.09 -34.60 -20.56
CA GLU A 303 -8.12 -34.68 -21.60
C GLU A 303 -8.07 -33.44 -22.45
N HIS A 304 -7.65 -32.32 -21.88
CA HIS A 304 -7.65 -31.07 -22.64
C HIS A 304 -6.28 -30.50 -22.94
N PHE A 305 -5.27 -30.89 -22.16
CA PHE A 305 -3.94 -30.29 -22.28
C PHE A 305 -2.86 -31.34 -22.38
N TYR A 306 -1.80 -30.98 -23.08
CA TYR A 306 -0.58 -31.72 -22.95
C TYR A 306 0.14 -31.17 -21.69
N LEU A 307 0.53 -32.05 -20.78
CA LEU A 307 1.18 -31.62 -19.51
C LEU A 307 2.66 -31.85 -19.47
N ILE A 308 3.44 -30.78 -19.30
CA ILE A 308 4.88 -30.93 -19.07
C ILE A 308 5.24 -30.67 -17.60
N GLY A 309 5.80 -31.67 -16.91
CA GLY A 309 6.19 -31.55 -15.49
C GLY A 309 7.67 -31.11 -15.37
N LEU A 310 7.92 -30.05 -14.62
CA LEU A 310 9.30 -29.63 -14.35
C LEU A 310 9.65 -29.79 -12.87
N GLY A 311 10.58 -30.67 -12.53
CA GLY A 311 10.88 -30.82 -11.13
C GLY A 311 12.23 -31.38 -10.79
N SER A 312 12.37 -31.88 -9.58
CA SER A 312 13.70 -32.20 -9.13
C SER A 312 13.85 -33.69 -9.17
N PRO A 313 15.06 -34.21 -8.96
CA PRO A 313 15.15 -35.67 -8.95
C PRO A 313 14.48 -36.31 -7.75
N SER A 314 14.06 -35.51 -6.76
CA SER A 314 13.28 -36.03 -5.65
C SER A 314 11.90 -36.54 -6.05
N VAL A 315 11.43 -36.22 -7.26
CA VAL A 315 10.15 -36.76 -7.75
C VAL A 315 10.28 -38.21 -8.25
N ASP A 316 9.43 -39.12 -7.78
CA ASP A 316 9.57 -40.50 -8.20
C ASP A 316 8.78 -40.86 -9.47
N GLN A 317 9.01 -42.05 -9.98
CA GLN A 317 8.33 -42.53 -11.16
C GLN A 317 6.81 -42.25 -11.04
N ALA A 318 6.17 -42.57 -9.91
CA ALA A 318 4.72 -42.31 -9.85
C ALA A 318 4.40 -40.81 -10.02
N GLY A 319 5.26 -39.93 -9.52
CA GLY A 319 5.06 -38.51 -9.72
C GLY A 319 5.19 -38.10 -11.18
N GLN A 320 6.20 -38.63 -11.85
CA GLN A 320 6.49 -38.28 -13.23
C GLN A 320 5.42 -38.77 -14.18
N GLU A 321 4.71 -39.82 -13.77
CA GLU A 321 3.76 -40.49 -14.66
C GLU A 321 2.42 -39.69 -14.72
N VAL A 322 2.28 -38.75 -13.81
CA VAL A 322 1.18 -37.85 -13.82
C VAL A 322 1.12 -37.03 -15.13
N PHE A 323 2.28 -36.73 -15.70
CA PHE A 323 2.41 -35.81 -16.84
C PHE A 323 2.67 -36.61 -18.10
N ASP A 324 2.44 -35.98 -19.24
CA ASP A 324 2.78 -36.57 -20.52
C ASP A 324 4.29 -36.62 -20.66
N GLU A 325 4.95 -35.55 -20.23
CA GLU A 325 6.39 -35.41 -20.40
C GLU A 325 6.99 -34.91 -19.07
N PHE A 326 8.14 -35.42 -18.64
CA PHE A 326 8.79 -34.87 -17.44
C PHE A 326 10.26 -34.42 -17.63
N HIS A 327 10.59 -33.21 -17.16
CA HIS A 327 12.00 -32.74 -17.18
C HIS A 327 12.55 -32.25 -15.84
N LEU A 328 13.85 -32.48 -15.60
CA LEU A 328 14.54 -31.87 -14.43
C LEU A 328 14.67 -30.38 -14.68
N VAL A 329 14.57 -29.59 -13.62
CA VAL A 329 14.73 -28.14 -13.78
C VAL A 329 16.22 -27.92 -13.75
N ALA A 330 16.79 -27.64 -14.93
CA ALA A 330 18.25 -27.48 -15.07
C ALA A 330 18.79 -26.04 -14.73
N GLY A 331 20.07 -25.98 -14.32
CA GLY A 331 20.71 -24.72 -13.97
C GLY A 331 21.48 -24.74 -12.67
N ASP A 332 22.62 -24.05 -12.66
CA ASP A 332 23.48 -23.97 -11.50
C ASP A 332 23.04 -22.85 -10.51
N ASN A 333 22.25 -21.87 -10.98
CA ASN A 333 21.72 -20.83 -10.09
C ASN A 333 20.33 -20.46 -10.49
N MET A 334 19.73 -19.53 -9.76
CA MET A 334 18.35 -19.15 -9.99
C MET A 334 18.14 -18.51 -11.38
N LYS A 335 18.97 -17.52 -11.72
CA LYS A 335 19.00 -16.98 -13.07
C LYS A 335 18.92 -18.07 -14.16
N GLN A 336 19.65 -19.17 -14.00
CA GLN A 336 19.65 -20.24 -15.00
C GLN A 336 18.38 -21.07 -14.99
N LYS A 337 17.87 -21.37 -13.79
CA LYS A 337 16.76 -22.26 -13.67
C LYS A 337 15.59 -21.57 -14.31
N LEU A 338 15.54 -20.25 -14.14
CA LEU A 338 14.47 -19.48 -14.69
C LEU A 338 14.57 -19.45 -16.19
N GLU A 339 15.78 -19.31 -16.73
CA GLU A 339 15.97 -19.31 -18.18
C GLU A 339 15.53 -20.66 -18.69
N PHE A 340 15.95 -21.72 -18.01
CA PHE A 340 15.45 -23.04 -18.38
C PHE A 340 13.91 -23.17 -18.39
N ILE A 341 13.26 -22.74 -17.31
CA ILE A 341 11.82 -22.79 -17.24
C ILE A 341 11.21 -21.96 -18.39
N ARG A 342 11.72 -20.75 -18.57
CA ARG A 342 11.31 -19.89 -19.71
C ARG A 342 11.36 -20.66 -21.05
N SER A 343 12.47 -21.35 -21.29
CA SER A 343 12.72 -21.97 -22.56
C SER A 343 11.74 -23.11 -22.89
N VAL A 344 11.33 -23.84 -21.85
CA VAL A 344 10.35 -24.88 -21.98
C VAL A 344 9.00 -24.28 -22.40
N CYS A 345 8.54 -23.28 -21.65
CA CYS A 345 7.36 -22.50 -22.02
C CYS A 345 7.42 -21.86 -23.45
N GLU A 346 8.62 -21.50 -23.93
CA GLU A 346 8.80 -20.82 -25.23
C GLU A 346 8.66 -21.76 -26.40
N SER A 347 9.48 -22.81 -26.39
CA SER A 347 9.48 -23.83 -27.43
C SER A 347 8.10 -24.51 -27.50
N ASN A 348 7.44 -24.72 -26.37
CA ASN A 348 6.13 -25.32 -26.49
C ASN A 348 5.02 -24.33 -26.69
N GLY A 349 5.17 -23.11 -26.16
CA GLY A 349 4.20 -22.05 -26.38
C GLY A 349 3.08 -22.18 -25.39
N ALA A 350 3.40 -22.03 -24.12
CA ALA A 350 2.51 -22.43 -23.04
C ALA A 350 1.21 -21.66 -22.94
N ALA A 351 0.10 -22.38 -22.78
CA ALA A 351 -1.15 -21.67 -22.43
C ALA A 351 -1.20 -21.50 -20.92
N ILE A 352 -0.80 -22.55 -20.22
CA ILE A 352 -0.95 -22.56 -18.78
C ILE A 352 0.41 -22.67 -18.10
N PHE A 353 0.62 -21.83 -17.09
CA PHE A 353 1.69 -22.10 -16.16
C PHE A 353 1.09 -22.33 -14.81
N TYR A 354 1.32 -23.52 -14.28
CA TYR A 354 0.65 -23.94 -13.06
C TYR A 354 1.63 -24.46 -11.99
N MET A 355 1.44 -24.01 -10.75
CA MET A 355 2.20 -24.47 -9.57
C MET A 355 1.23 -24.95 -8.47
N PRO A 356 1.04 -26.27 -8.31
CA PRO A 356 0.14 -26.88 -7.29
C PRO A 356 0.55 -26.44 -5.86
N SER A 357 1.83 -26.12 -5.73
CA SER A 357 2.40 -25.65 -4.48
C SER A 357 3.34 -24.46 -4.71
N ILE A 358 3.15 -23.37 -4.01
CA ILE A 358 4.17 -22.31 -4.13
C ILE A 358 4.65 -21.82 -2.78
N GLY A 359 5.95 -21.72 -2.58
CA GLY A 359 6.42 -21.34 -1.25
C GLY A 359 7.50 -22.17 -0.60
N MET A 360 7.58 -23.45 -0.95
CA MET A 360 8.51 -24.38 -0.32
C MET A 360 9.96 -24.32 -0.86
N ASP A 361 10.08 -24.00 -2.14
CA ASP A 361 11.36 -23.81 -2.81
C ASP A 361 11.30 -22.36 -3.30
N MET A 362 12.46 -21.77 -3.42
CA MET A 362 12.57 -20.43 -3.90
C MET A 362 12.27 -20.30 -5.42
N THR A 363 12.60 -21.33 -6.19
CA THR A 363 12.30 -21.34 -7.60
C THR A 363 10.83 -20.96 -7.90
N THR A 364 9.90 -21.66 -7.26
CA THR A 364 8.52 -21.35 -7.52
C THR A 364 8.28 -19.90 -7.19
N ILE A 365 8.90 -19.42 -6.12
CA ILE A 365 8.64 -18.04 -5.76
C ILE A 365 9.09 -17.08 -6.89
N PHE A 366 10.32 -17.21 -7.34
CA PHE A 366 10.81 -16.39 -8.39
C PHE A 366 9.94 -16.49 -9.63
N ALA A 367 9.73 -17.73 -10.09
CA ALA A 367 8.89 -18.02 -11.22
C ALA A 367 7.56 -17.30 -11.20
N SER A 368 6.98 -17.11 -10.03
CA SER A 368 5.66 -16.52 -9.94
C SER A 368 5.67 -15.02 -10.11
N ASN A 369 6.87 -14.46 -10.26
CA ASN A 369 7.05 -13.02 -10.49
C ASN A 369 7.45 -12.76 -11.96
N THR A 370 7.18 -13.75 -12.82
CA THR A 370 7.48 -13.66 -14.23
C THR A 370 6.22 -13.87 -15.05
N ARG A 371 6.27 -13.50 -16.34
CA ARG A 371 5.16 -13.78 -17.23
C ARG A 371 5.69 -14.82 -18.17
N LEU A 372 5.11 -16.04 -18.05
CA LEU A 372 5.55 -17.25 -18.77
C LEU A 372 4.46 -17.91 -19.67
N ALA A 373 3.19 -17.69 -19.35
CA ALA A 373 2.08 -18.13 -20.17
C ALA A 373 0.97 -17.11 -20.02
N PRO A 374 -0.09 -17.22 -20.84
CA PRO A 374 -1.13 -16.22 -20.69
C PRO A 374 -2.04 -16.51 -19.49
N ILE A 375 -2.19 -17.78 -19.16
CA ILE A 375 -2.81 -18.14 -17.88
C ILE A 375 -1.74 -18.66 -16.96
N GLN A 376 -1.67 -18.04 -15.79
CA GLN A 376 -0.72 -18.50 -14.81
C GLN A 376 -1.51 -18.68 -13.59
N ALA A 377 -1.34 -19.80 -12.91
CA ALA A 377 -2.19 -20.13 -11.80
C ALA A 377 -1.54 -21.06 -10.78
N ILE A 378 -2.05 -21.01 -9.57
CA ILE A 378 -1.50 -21.91 -8.57
C ILE A 378 -2.58 -22.74 -7.85
N ALA A 379 -2.12 -23.73 -7.11
CA ALA A 379 -2.99 -24.36 -6.17
C ALA A 379 -2.49 -24.08 -4.73
N LEU A 380 -3.13 -24.68 -3.74
CA LEU A 380 -2.79 -24.34 -2.38
C LEU A 380 -2.10 -25.47 -1.60
N GLY A 381 -1.09 -26.10 -2.21
CA GLY A 381 -0.26 -27.04 -1.45
C GLY A 381 0.39 -26.39 -0.21
N HIS A 382 0.82 -25.12 -0.36
CA HIS A 382 0.94 -24.15 0.74
C HIS A 382 -0.20 -23.12 0.69
N PRO A 383 -1.16 -23.20 1.63
CA PRO A 383 -2.44 -22.59 1.47
C PRO A 383 -2.47 -21.12 1.87
N ALA A 384 -2.00 -20.27 0.98
CA ALA A 384 -1.91 -18.82 1.26
C ALA A 384 -1.74 -18.07 -0.05
N THR A 385 -2.39 -16.90 -0.12
CA THR A 385 -2.29 -16.05 -1.32
C THR A 385 -0.83 -15.66 -1.64
N THR A 386 -0.49 -15.55 -2.93
CA THR A 386 0.86 -15.11 -3.35
C THR A 386 1.16 -13.58 -3.26
N HIS A 387 0.10 -12.78 -3.35
CA HIS A 387 0.16 -11.32 -3.55
C HIS A 387 1.07 -10.93 -4.72
N SER A 388 1.12 -11.78 -5.74
CA SER A 388 1.85 -11.52 -6.97
C SER A 388 0.89 -11.17 -8.12
N ASP A 389 1.15 -10.01 -8.73
CA ASP A 389 0.38 -9.52 -9.87
C ASP A 389 0.53 -10.39 -11.12
N PHE A 390 1.45 -11.35 -11.10
CA PHE A 390 1.74 -12.25 -12.23
C PHE A 390 0.96 -13.54 -12.27
N ILE A 391 0.17 -13.74 -11.24
CA ILE A 391 -0.57 -14.94 -11.06
C ILE A 391 -2.02 -14.59 -11.04
N GLU A 392 -2.80 -15.27 -11.88
CA GLU A 392 -4.18 -14.84 -12.00
C GLU A 392 -5.12 -15.67 -11.20
N TYR A 393 -4.93 -16.98 -11.19
CA TYR A 393 -5.93 -17.86 -10.56
C TYR A 393 -5.42 -18.72 -9.44
N VAL A 394 -6.37 -19.16 -8.61
CA VAL A 394 -6.12 -20.06 -7.50
C VAL A 394 -7.17 -21.16 -7.49
N ILE A 395 -6.73 -22.38 -7.77
CA ILE A 395 -7.51 -23.59 -7.66
C ILE A 395 -7.75 -23.95 -6.21
N VAL A 396 -8.99 -24.25 -5.85
CA VAL A 396 -9.30 -24.53 -4.48
C VAL A 396 -10.68 -25.21 -4.39
N GLU A 397 -10.88 -26.05 -3.38
CA GLU A 397 -12.16 -26.75 -3.29
C GLU A 397 -13.10 -25.77 -2.69
N ASP A 398 -14.29 -25.65 -3.27
CA ASP A 398 -15.26 -24.65 -2.83
C ASP A 398 -15.50 -24.69 -1.33
N ASP A 399 -15.50 -25.89 -0.74
CA ASP A 399 -15.81 -26.02 0.68
C ASP A 399 -14.63 -25.63 1.61
N TYR A 400 -13.47 -25.30 1.04
CA TYR A 400 -12.32 -24.85 1.86
C TYR A 400 -12.13 -23.31 1.99
N VAL A 401 -12.81 -22.55 1.11
CA VAL A 401 -12.71 -21.06 1.13
C VAL A 401 -13.52 -20.43 2.27
N GLY A 402 -12.95 -19.43 2.90
CA GLY A 402 -13.68 -18.70 3.93
C GLY A 402 -14.21 -17.43 3.30
N SER A 403 -13.39 -16.39 3.33
CA SER A 403 -13.70 -15.21 2.59
C SER A 403 -12.73 -15.10 1.44
N GLU A 404 -13.27 -14.73 0.29
CA GLU A 404 -12.54 -14.57 -0.93
C GLU A 404 -11.52 -13.43 -0.86
N GLU A 405 -11.72 -12.48 0.05
CA GLU A 405 -10.84 -11.29 0.16
C GLU A 405 -9.46 -11.57 0.81
N CYS A 406 -9.20 -12.80 1.25
CA CYS A 406 -7.87 -13.19 1.78
C CYS A 406 -6.85 -13.28 0.68
N PHE A 407 -7.34 -13.48 -0.54
CA PHE A 407 -6.54 -13.71 -1.72
C PHE A 407 -6.60 -12.52 -2.65
N SER A 408 -5.42 -12.04 -3.05
CA SER A 408 -5.26 -11.08 -4.13
C SER A 408 -5.71 -11.58 -5.51
N GLU A 409 -5.57 -12.89 -5.75
CA GLU A 409 -5.91 -13.55 -7.03
C GLU A 409 -7.41 -13.91 -7.10
N THR A 410 -7.91 -14.24 -8.29
CA THR A 410 -9.28 -14.71 -8.31
C THR A 410 -9.35 -16.23 -8.03
N LEU A 411 -10.24 -16.61 -7.08
CA LEU A 411 -10.42 -18.02 -6.73
C LEU A 411 -11.22 -18.72 -7.76
N LEU A 412 -10.72 -19.85 -8.22
CA LEU A 412 -11.47 -20.82 -9.04
C LEU A 412 -11.98 -21.94 -8.16
N ARG A 413 -13.22 -21.79 -7.72
CA ARG A 413 -13.75 -22.64 -6.73
C ARG A 413 -14.32 -23.88 -7.38
N LEU A 414 -13.76 -25.01 -7.01
CA LEU A 414 -14.05 -26.18 -7.75
C LEU A 414 -14.98 -26.98 -6.93
N PRO A 415 -15.72 -27.92 -7.55
CA PRO A 415 -16.63 -28.73 -6.74
C PRO A 415 -15.88 -29.50 -5.65
N LYS A 416 -16.54 -29.66 -4.53
CA LYS A 416 -15.91 -30.22 -3.35
C LYS A 416 -15.40 -31.66 -3.56
N ASP A 417 -15.75 -32.26 -4.68
CA ASP A 417 -15.22 -33.61 -4.96
C ASP A 417 -14.32 -33.58 -6.20
N ALA A 418 -13.92 -32.39 -6.58
CA ALA A 418 -13.02 -32.21 -7.74
C ALA A 418 -11.53 -32.54 -7.55
N LEU A 419 -11.04 -32.64 -6.31
CA LEU A 419 -9.67 -33.05 -6.07
C LEU A 419 -9.65 -34.33 -5.23
N PRO A 420 -10.07 -35.46 -5.84
CA PRO A 420 -10.05 -36.68 -5.04
C PRO A 420 -8.59 -36.94 -4.64
N TYR A 421 -8.42 -37.49 -3.45
CA TYR A 421 -7.13 -37.72 -2.89
C TYR A 421 -6.64 -39.13 -3.22
N VAL A 422 -5.32 -39.29 -3.25
CA VAL A 422 -4.72 -40.61 -3.27
C VAL A 422 -4.44 -41.01 -1.81
N PRO A 423 -5.02 -42.12 -1.35
CA PRO A 423 -4.78 -42.56 0.02
C PRO A 423 -3.31 -42.99 0.22
N SER A 424 -2.84 -42.86 1.45
CA SER A 424 -1.47 -43.23 1.74
C SER A 424 -1.34 -44.75 1.71
N ALA A 425 -0.23 -45.25 1.17
CA ALA A 425 0.09 -46.65 1.29
C ALA A 425 0.32 -47.11 2.76
N LEU A 426 0.61 -46.17 3.66
CA LEU A 426 0.85 -46.54 5.05
C LEU A 426 -0.45 -46.80 5.87
N ALA A 427 -1.63 -46.50 5.28
CA ALA A 427 -2.89 -46.60 6.03
C ALA A 427 -3.09 -48.01 6.56
N PRO A 428 -3.39 -48.17 7.87
CA PRO A 428 -3.57 -49.51 8.35
C PRO A 428 -4.85 -50.09 7.75
N GLU A 429 -4.81 -51.37 7.41
CA GLU A 429 -5.91 -52.17 6.90
C GLU A 429 -6.93 -52.65 7.96
N LYS A 430 -6.55 -52.66 9.24
CA LYS A 430 -7.36 -53.22 10.32
C LYS A 430 -7.43 -52.22 11.43
N VAL A 431 -8.44 -52.35 12.29
CA VAL A 431 -8.70 -51.33 13.33
C VAL A 431 -8.71 -51.96 14.68
N ASP A 432 -8.70 -51.12 15.71
CA ASP A 432 -8.80 -51.62 17.07
C ASP A 432 -9.28 -50.52 18.03
N TYR A 433 -10.48 -50.02 17.78
CA TYR A 433 -10.98 -48.89 18.51
C TYR A 433 -11.10 -49.08 20.04
N LEU A 434 -10.57 -48.09 20.73
CA LEU A 434 -10.51 -48.14 22.16
C LEU A 434 -11.44 -47.03 22.59
N LEU A 435 -12.63 -47.42 23.02
CA LEU A 435 -13.63 -46.45 23.50
C LEU A 435 -13.70 -46.57 25.01
N ARG A 436 -12.93 -45.74 25.69
CA ARG A 436 -12.76 -45.88 27.12
C ARG A 436 -14.01 -45.45 27.87
N GLU A 437 -14.64 -46.44 28.49
CA GLU A 437 -15.87 -46.24 29.28
C GLU A 437 -15.56 -45.53 30.58
N ASN A 438 -14.47 -45.93 31.23
CA ASN A 438 -14.08 -45.31 32.49
C ASN A 438 -12.79 -44.49 32.42
N PRO A 439 -12.95 -43.20 32.08
CA PRO A 439 -11.74 -42.40 32.13
C PRO A 439 -11.69 -41.56 33.43
N GLU A 440 -10.73 -41.87 34.28
CA GLU A 440 -10.38 -40.91 35.31
C GLU A 440 -9.89 -39.68 34.56
N VAL A 441 -8.96 -39.93 33.61
CA VAL A 441 -8.31 -38.92 32.80
C VAL A 441 -8.77 -38.90 31.33
N VAL A 442 -9.09 -37.74 30.80
CA VAL A 442 -9.36 -37.62 29.40
C VAL A 442 -8.06 -37.24 28.63
N ASN A 443 -7.55 -38.16 27.82
CA ASN A 443 -6.40 -37.82 27.00
C ASN A 443 -6.81 -37.16 25.70
N ILE A 444 -6.20 -36.05 25.40
CA ILE A 444 -6.62 -35.22 24.31
C ILE A 444 -5.41 -35.11 23.45
N GLY A 445 -5.52 -35.55 22.20
CA GLY A 445 -4.36 -35.52 21.32
C GLY A 445 -4.31 -34.26 20.53
N ILE A 446 -3.12 -33.90 20.09
CA ILE A 446 -2.90 -32.78 19.24
C ILE A 446 -1.76 -33.17 18.30
N ALA A 447 -2.08 -33.16 17.01
CA ALA A 447 -1.14 -33.49 15.97
C ALA A 447 -0.69 -32.15 15.34
N SER A 448 0.60 -31.89 15.36
CA SER A 448 1.05 -30.57 14.94
C SER A 448 2.53 -30.51 14.49
N THR A 449 2.86 -29.55 13.63
CA THR A 449 4.25 -29.21 13.38
C THR A 449 4.55 -28.11 14.36
N THR A 450 5.79 -27.68 14.42
CA THR A 450 6.18 -26.66 15.36
C THR A 450 5.69 -25.30 14.85
N MET A 451 5.55 -25.15 13.53
CA MET A 451 5.17 -23.84 12.96
C MET A 451 3.72 -23.52 13.45
N LYS A 452 2.91 -24.57 13.65
CA LYS A 452 1.49 -24.36 14.05
C LYS A 452 1.34 -23.91 15.50
N LEU A 453 2.36 -24.14 16.34
CA LEU A 453 2.27 -23.82 17.80
C LEU A 453 2.39 -22.30 18.00
N ASN A 454 1.61 -21.73 18.92
CA ASN A 454 1.56 -20.27 19.17
C ASN A 454 0.92 -20.00 20.54
N PRO A 455 1.06 -18.78 21.05
CA PRO A 455 0.57 -18.54 22.42
C PRO A 455 -0.94 -18.56 22.54
N TYR A 456 -1.65 -18.23 21.47
CA TYR A 456 -3.13 -18.22 21.48
C TYR A 456 -3.63 -19.68 21.54
N PHE A 457 -3.10 -20.52 20.66
CA PHE A 457 -3.40 -21.94 20.72
C PHE A 457 -3.11 -22.47 22.13
N LEU A 458 -1.90 -22.29 22.62
CA LEU A 458 -1.52 -22.82 23.93
C LEU A 458 -2.31 -22.23 25.11
N GLU A 459 -2.61 -20.92 25.07
CA GLU A 459 -3.56 -20.34 26.06
C GLU A 459 -4.97 -20.95 25.97
N ALA A 460 -5.47 -21.16 24.76
CA ALA A 460 -6.72 -21.91 24.65
C ALA A 460 -6.70 -23.29 25.38
N LEU A 461 -5.58 -23.99 25.22
CA LEU A 461 -5.36 -25.29 25.79
C LEU A 461 -5.25 -25.22 27.32
N LYS A 462 -4.57 -24.21 27.83
CA LYS A 462 -4.54 -23.97 29.30
C LYS A 462 -5.95 -23.65 29.86
N ALA A 463 -6.68 -22.80 29.17
CA ALA A 463 -8.11 -22.60 29.42
C ALA A 463 -8.90 -23.92 29.51
N ILE A 464 -8.78 -24.80 28.52
CA ILE A 464 -9.56 -26.06 28.57
C ILE A 464 -9.12 -26.90 29.79
N ARG A 465 -7.82 -26.85 30.09
CA ARG A 465 -7.33 -27.61 31.27
C ARG A 465 -7.86 -27.03 32.57
N ASP A 466 -7.71 -25.72 32.75
CA ASP A 466 -8.19 -25.04 33.97
C ASP A 466 -9.69 -25.21 34.19
N ARG A 467 -10.47 -25.05 33.12
CA ARG A 467 -11.91 -25.04 33.22
C ARG A 467 -12.64 -26.37 33.27
N ALA A 468 -12.04 -27.45 32.74
CA ALA A 468 -12.74 -28.74 32.64
C ALA A 468 -12.82 -29.40 34.01
N LYS A 469 -14.00 -29.90 34.34
CA LYS A 469 -14.21 -30.57 35.62
C LYS A 469 -13.68 -32.01 35.61
N VAL A 470 -13.16 -32.44 34.47
CA VAL A 470 -12.44 -33.71 34.42
C VAL A 470 -10.97 -33.40 34.29
N LYS A 471 -10.14 -34.24 34.86
CA LYS A 471 -8.71 -34.13 34.64
C LYS A 471 -8.45 -34.42 33.13
N VAL A 472 -7.69 -33.57 32.45
CA VAL A 472 -7.32 -33.85 31.05
C VAL A 472 -5.79 -34.03 30.88
N HIS A 473 -5.37 -34.83 29.90
CA HIS A 473 -3.93 -34.86 29.60
C HIS A 473 -3.73 -34.63 28.09
N PHE A 474 -2.81 -33.75 27.72
CA PHE A 474 -2.60 -33.38 26.32
C PHE A 474 -1.40 -34.19 25.78
N HIS A 475 -1.59 -34.97 24.74
CA HIS A 475 -0.48 -35.64 24.10
C HIS A 475 -0.20 -34.91 22.82
N PHE A 476 0.93 -34.21 22.74
CA PHE A 476 1.24 -33.56 21.47
C PHE A 476 2.08 -34.53 20.66
N ALA A 477 1.65 -34.86 19.46
CA ALA A 477 2.51 -35.60 18.54
C ALA A 477 3.05 -34.57 17.60
N LEU A 478 4.28 -34.14 17.86
CA LEU A 478 4.84 -33.03 17.14
C LEU A 478 5.54 -33.55 15.89
N GLY A 479 4.95 -33.26 14.74
CA GLY A 479 5.64 -33.53 13.50
C GLY A 479 6.93 -32.74 13.34
N GLN A 480 8.01 -33.45 13.12
CA GLN A 480 9.29 -32.84 12.85
C GLN A 480 9.98 -32.12 13.99
N SER A 481 9.45 -32.21 15.20
CA SER A 481 10.18 -31.79 16.42
C SER A 481 11.28 -32.81 16.77
N ASN A 482 12.46 -32.31 17.09
CA ASN A 482 13.64 -32.93 16.56
C ASN A 482 14.89 -32.28 17.10
N GLY A 483 16.00 -33.01 17.17
CA GLY A 483 17.30 -32.38 17.40
C GLY A 483 17.26 -31.27 18.43
N ILE A 484 17.85 -30.12 18.13
CA ILE A 484 17.95 -29.04 19.14
C ILE A 484 16.72 -28.18 19.23
N THR A 485 15.70 -28.44 18.41
CA THR A 485 14.49 -27.65 18.48
C THR A 485 13.65 -28.18 19.63
N HIS A 486 13.66 -29.50 19.77
CA HIS A 486 12.70 -30.19 20.58
C HIS A 486 12.70 -29.79 22.08
N PRO A 487 13.88 -29.74 22.75
CA PRO A 487 13.88 -29.34 24.19
C PRO A 487 13.22 -27.97 24.43
N TYR A 488 13.44 -27.05 23.51
CA TYR A 488 12.81 -25.73 23.56
C TYR A 488 11.30 -25.81 23.40
N VAL A 489 10.80 -26.66 22.49
CA VAL A 489 9.38 -26.82 22.31
C VAL A 489 8.75 -27.41 23.58
N GLU A 490 9.38 -28.41 24.13
CA GLU A 490 8.85 -29.03 25.33
C GLU A 490 8.72 -28.02 26.45
N ARG A 491 9.71 -27.14 26.58
CA ARG A 491 9.64 -26.10 27.63
C ARG A 491 8.52 -25.07 27.44
N PHE A 492 8.29 -24.76 26.18
CA PHE A 492 7.24 -23.89 25.85
C PHE A 492 5.95 -24.60 26.27
N ILE A 493 5.80 -25.88 25.90
CA ILE A 493 4.50 -26.50 26.13
C ILE A 493 4.30 -26.62 27.64
N LYS A 494 5.38 -26.93 28.36
CA LYS A 494 5.34 -27.12 29.83
C LYS A 494 5.09 -25.83 30.57
N SER A 495 5.49 -24.70 30.00
CA SER A 495 5.26 -23.42 30.60
C SER A 495 3.78 -23.16 30.75
N TYR A 496 2.97 -23.78 29.88
CA TYR A 496 1.51 -23.61 29.94
C TYR A 496 0.82 -24.74 30.71
N LEU A 497 1.29 -25.98 30.55
CA LEU A 497 0.50 -27.12 31.00
C LEU A 497 1.17 -28.04 32.03
N GLY A 498 2.44 -27.83 32.32
CA GLY A 498 3.06 -28.54 33.43
C GLY A 498 2.85 -30.02 33.17
N ASP A 499 2.37 -30.72 34.19
CA ASP A 499 2.07 -32.15 34.22
C ASP A 499 0.91 -32.64 33.35
N SER A 500 0.20 -31.72 32.71
CA SER A 500 -0.96 -32.09 31.94
C SER A 500 -0.62 -32.26 30.48
N ALA A 501 0.67 -32.36 30.18
CA ALA A 501 1.05 -32.48 28.80
C ALA A 501 2.32 -33.30 28.51
N THR A 502 2.28 -34.00 27.38
CA THR A 502 3.41 -34.73 26.92
C THR A 502 3.75 -34.24 25.53
N ALA A 503 5.02 -33.92 25.37
CA ALA A 503 5.50 -33.35 24.14
C ALA A 503 6.22 -34.49 23.46
N HIS A 504 5.51 -35.26 22.63
CA HIS A 504 6.20 -36.39 21.91
C HIS A 504 7.03 -35.88 20.68
N PRO A 505 8.33 -36.22 20.59
CA PRO A 505 9.07 -35.72 19.41
C PRO A 505 8.58 -36.38 18.13
N HIS A 506 9.02 -35.90 16.97
CA HIS A 506 8.71 -36.58 15.75
C HIS A 506 8.77 -38.13 15.92
N SER A 507 7.74 -38.84 15.47
CA SER A 507 7.82 -40.31 15.50
C SER A 507 7.41 -40.90 14.15
N PRO A 508 7.85 -42.14 13.84
CA PRO A 508 7.39 -42.84 12.65
C PRO A 508 5.83 -42.99 12.59
N TYR A 509 5.31 -43.27 11.41
CA TYR A 509 3.85 -43.25 11.24
C TYR A 509 3.12 -44.20 12.20
N HIS A 510 3.51 -45.46 12.27
CA HIS A 510 2.77 -46.40 13.14
C HIS A 510 2.83 -46.09 14.61
N GLN A 511 3.85 -45.34 15.00
CA GLN A 511 4.06 -45.01 16.39
C GLN A 511 3.25 -43.75 16.68
N TYR A 512 3.23 -42.81 15.76
CA TYR A 512 2.37 -41.65 15.79
C TYR A 512 0.87 -42.03 15.88
N LEU A 513 0.49 -43.07 15.17
CA LEU A 513 -0.83 -43.59 15.22
C LEU A 513 -1.10 -44.24 16.57
N ARG A 514 -0.08 -44.80 17.19
CA ARG A 514 -0.25 -45.44 18.48
C ARG A 514 -0.46 -44.41 19.61
N ILE A 515 0.25 -43.30 19.53
CA ILE A 515 0.02 -42.22 20.49
C ILE A 515 -1.42 -41.72 20.43
N LEU A 516 -1.93 -41.43 19.24
CA LEU A 516 -3.31 -40.93 19.13
C LEU A 516 -4.30 -42.01 19.54
N HIS A 517 -4.00 -43.24 19.21
CA HIS A 517 -4.92 -44.33 19.54
C HIS A 517 -5.19 -44.43 21.07
N ASN A 518 -4.24 -43.96 21.84
CA ASN A 518 -4.41 -43.90 23.28
C ASN A 518 -5.19 -42.65 23.78
N CYS A 519 -5.73 -41.85 22.84
CA CYS A 519 -6.46 -40.62 23.19
C CYS A 519 -7.94 -40.82 23.18
N ASP A 520 -8.66 -39.87 23.79
CA ASP A 520 -10.11 -39.90 23.82
C ASP A 520 -10.82 -38.97 22.88
N MET A 521 -10.10 -37.94 22.47
CA MET A 521 -10.58 -36.93 21.54
C MET A 521 -9.36 -36.20 21.08
N MET A 522 -9.53 -35.27 20.14
CA MET A 522 -8.43 -34.46 19.68
C MET A 522 -8.84 -33.03 19.61
N VAL A 523 -7.89 -32.11 19.62
CA VAL A 523 -8.19 -30.72 19.31
C VAL A 523 -7.18 -30.25 18.23
N ASN A 524 -7.63 -29.35 17.40
CA ASN A 524 -6.82 -28.85 16.34
C ASN A 524 -6.23 -27.54 16.62
N PRO A 525 -4.99 -27.34 16.14
CA PRO A 525 -4.31 -26.06 16.20
C PRO A 525 -5.04 -25.03 15.37
N PHE A 526 -4.90 -23.79 15.79
CA PHE A 526 -5.27 -22.63 15.05
C PHE A 526 -4.17 -21.59 15.22
N PRO A 527 -4.05 -20.67 14.26
CA PRO A 527 -5.04 -20.40 13.18
C PRO A 527 -4.84 -21.27 11.92
N PHE A 528 -3.68 -21.89 11.81
CA PHE A 528 -3.35 -22.74 10.70
C PHE A 528 -3.65 -24.18 11.11
N GLY A 529 -4.74 -24.75 10.60
CA GLY A 529 -5.27 -26.04 11.09
C GLY A 529 -4.64 -27.27 10.49
N ASN A 530 -5.19 -28.42 10.77
CA ASN A 530 -4.71 -29.63 10.08
C ASN A 530 -5.51 -30.04 8.83
N THR A 531 -5.00 -31.04 8.15
CA THR A 531 -5.69 -31.62 7.10
C THR A 531 -5.48 -33.10 7.31
N ASN A 532 -4.27 -33.54 7.17
CA ASN A 532 -3.93 -34.91 7.38
C ASN A 532 -4.21 -35.39 8.77
N GLY A 533 -3.98 -34.56 9.75
CA GLY A 533 -4.34 -34.85 11.15
C GLY A 533 -5.80 -35.29 11.19
N ILE A 534 -6.67 -34.51 10.54
CA ILE A 534 -8.12 -34.83 10.54
C ILE A 534 -8.44 -36.22 9.96
N ILE A 535 -7.81 -36.54 8.85
CA ILE A 535 -7.99 -37.85 8.31
C ILE A 535 -7.52 -38.95 9.25
N ASP A 536 -6.33 -38.78 9.86
CA ASP A 536 -5.85 -39.75 10.84
C ASP A 536 -6.83 -39.86 12.00
N MET A 537 -7.36 -38.72 12.45
CA MET A 537 -8.37 -38.73 13.52
C MET A 537 -9.55 -39.67 13.22
N VAL A 538 -10.16 -39.52 12.04
CA VAL A 538 -11.35 -40.26 11.74
C VAL A 538 -10.99 -41.72 11.54
N THR A 539 -9.82 -41.93 10.93
CA THR A 539 -9.29 -43.27 10.70
C THR A 539 -9.33 -44.04 12.01
N LEU A 540 -9.04 -43.35 13.10
CA LEU A 540 -8.92 -43.98 14.39
C LEU A 540 -10.23 -43.94 15.14
N GLY A 541 -11.24 -43.34 14.53
CA GLY A 541 -12.59 -43.31 15.08
C GLY A 541 -12.73 -42.25 16.13
N LEU A 542 -12.00 -41.16 15.97
CA LEU A 542 -11.87 -40.20 17.02
C LEU A 542 -12.62 -38.98 16.58
N VAL A 543 -13.03 -38.17 17.53
CA VAL A 543 -13.61 -36.89 17.19
C VAL A 543 -12.84 -35.79 17.94
N GLY A 544 -13.03 -34.55 17.52
CA GLY A 544 -12.26 -33.45 18.07
C GLY A 544 -12.91 -32.12 17.84
N VAL A 545 -12.25 -31.05 18.24
CA VAL A 545 -12.70 -29.71 17.97
C VAL A 545 -11.71 -29.04 17.02
N CYS A 546 -12.18 -28.13 16.18
CA CYS A 546 -11.25 -27.36 15.37
C CYS A 546 -11.80 -25.95 15.43
N LYS A 547 -11.00 -24.95 15.11
CA LYS A 547 -11.60 -23.63 14.99
C LYS A 547 -11.48 -23.16 13.58
N THR A 548 -12.52 -22.48 13.11
CA THR A 548 -12.58 -22.10 11.72
C THR A 548 -12.26 -20.62 11.54
N GLY A 549 -12.30 -20.12 10.31
CA GLY A 549 -11.99 -18.72 10.09
C GLY A 549 -11.96 -18.37 8.63
N ALA A 550 -11.43 -17.20 8.33
CA ALA A 550 -11.54 -16.69 6.98
C ALA A 550 -10.56 -17.26 5.95
N GLU A 551 -9.30 -17.49 6.34
CA GLU A 551 -8.28 -17.95 5.41
C GLU A 551 -8.54 -19.43 5.10
N VAL A 552 -8.08 -19.90 3.93
CA VAL A 552 -8.26 -21.32 3.63
C VAL A 552 -7.62 -22.21 4.71
N HIS A 553 -6.48 -21.78 5.24
CA HIS A 553 -5.77 -22.66 6.16
C HIS A 553 -6.51 -22.71 7.48
N GLU A 554 -7.31 -21.70 7.81
CA GLU A 554 -8.26 -21.75 8.93
C GLU A 554 -9.57 -22.52 8.60
N HIS A 555 -10.00 -22.50 7.34
CA HIS A 555 -11.30 -23.02 6.92
C HIS A 555 -11.33 -24.50 6.50
N ILE A 556 -10.27 -25.02 5.90
CA ILE A 556 -10.09 -26.46 5.59
C ILE A 556 -10.70 -27.39 6.64
N ASP A 557 -10.39 -27.21 7.92
CA ASP A 557 -10.91 -28.13 8.92
C ASP A 557 -12.43 -28.19 8.95
N GLU A 558 -13.10 -27.04 8.86
CA GLU A 558 -14.55 -27.00 8.69
C GLU A 558 -15.01 -27.80 7.45
N GLY A 559 -14.48 -27.45 6.27
CA GLY A 559 -14.81 -28.17 5.05
C GLY A 559 -14.69 -29.66 5.30
N LEU A 560 -13.55 -30.03 5.90
CA LEU A 560 -13.16 -31.42 6.07
C LEU A 560 -14.03 -32.15 7.12
N PHE A 561 -14.36 -31.43 8.18
CA PHE A 561 -15.27 -31.93 9.20
C PHE A 561 -16.64 -32.20 8.64
N LYS A 562 -17.05 -31.42 7.66
CA LYS A 562 -18.34 -31.62 7.03
C LYS A 562 -18.34 -32.79 6.02
N ARG A 563 -17.30 -32.87 5.21
CA ARG A 563 -17.11 -34.00 4.35
C ARG A 563 -17.10 -35.32 5.11
N LEU A 564 -16.55 -35.34 6.34
CA LEU A 564 -16.31 -36.62 7.03
C LEU A 564 -17.44 -36.97 7.98
N GLY A 565 -18.38 -36.01 8.11
CA GLY A 565 -19.66 -36.27 8.73
C GLY A 565 -19.66 -35.86 10.17
N LEU A 566 -18.74 -34.98 10.55
CA LEU A 566 -18.66 -34.51 11.93
C LEU A 566 -19.72 -33.40 12.13
N PRO A 567 -20.29 -33.27 13.36
CA PRO A 567 -21.37 -32.29 13.65
C PRO A 567 -20.85 -30.84 13.80
N GLU A 568 -21.68 -29.86 13.42
CA GLU A 568 -21.19 -28.46 13.36
C GLU A 568 -20.78 -27.91 14.73
N TRP A 569 -21.32 -28.44 15.84
CA TRP A 569 -20.96 -27.90 17.14
C TRP A 569 -19.47 -28.09 17.45
N LEU A 570 -18.82 -29.00 16.72
CA LEU A 570 -17.40 -29.24 16.83
C LEU A 570 -16.59 -28.16 16.15
N ILE A 571 -17.23 -27.39 15.29
CA ILE A 571 -16.51 -26.40 14.53
C ILE A 571 -16.76 -25.04 15.14
N ALA A 572 -15.86 -24.55 16.00
CA ALA A 572 -16.03 -23.26 16.69
C ALA A 572 -15.61 -22.06 15.85
N ASN A 573 -16.29 -20.94 15.95
CA ASN A 573 -15.86 -19.70 15.29
C ASN A 573 -14.91 -18.79 16.10
N THR A 574 -14.78 -19.04 17.40
CA THR A 574 -13.92 -18.15 18.19
C THR A 574 -13.19 -18.96 19.21
N VAL A 575 -12.11 -18.41 19.71
CA VAL A 575 -11.39 -19.04 20.77
C VAL A 575 -12.30 -19.44 21.93
N ASP A 576 -13.17 -18.54 22.38
CA ASP A 576 -13.98 -18.84 23.55
C ASP A 576 -14.91 -20.03 23.31
N GLU A 577 -15.42 -20.13 22.08
CA GLU A 577 -16.24 -21.27 21.70
C GLU A 577 -15.38 -22.55 21.58
N TYR A 578 -14.24 -22.42 20.91
CA TYR A 578 -13.26 -23.48 20.83
C TYR A 578 -13.08 -24.05 22.21
N VAL A 579 -12.63 -23.23 23.15
CA VAL A 579 -12.45 -23.73 24.52
C VAL A 579 -13.74 -24.41 25.03
N GLU A 580 -14.88 -23.79 24.76
CA GLU A 580 -16.16 -24.21 25.30
C GLU A 580 -16.53 -25.58 24.79
N ARG A 581 -16.37 -25.82 23.50
CA ARG A 581 -16.79 -27.08 22.89
C ARG A 581 -15.81 -28.18 23.28
N ALA A 582 -14.52 -27.81 23.34
CA ALA A 582 -13.47 -28.73 23.78
C ALA A 582 -13.78 -29.24 25.16
N VAL A 583 -14.07 -28.33 26.06
CA VAL A 583 -14.47 -28.73 27.43
C VAL A 583 -15.74 -29.63 27.45
N ARG A 584 -16.67 -29.32 26.55
CA ARG A 584 -17.92 -30.05 26.52
C ARG A 584 -17.65 -31.47 26.08
N LEU A 585 -16.84 -31.59 25.02
CA LEU A 585 -16.48 -32.89 24.50
C LEU A 585 -15.75 -33.69 25.58
N ALA A 586 -14.95 -33.00 26.41
CA ALA A 586 -14.19 -33.68 27.44
C ALA A 586 -15.02 -34.06 28.67
N GLU A 587 -15.94 -33.20 29.10
CA GLU A 587 -16.80 -33.52 30.24
C GLU A 587 -17.87 -34.55 29.92
N ASN A 588 -18.47 -34.45 28.73
CA ASN A 588 -19.66 -35.24 28.40
C ASN A 588 -19.26 -36.56 27.82
N HIS A 589 -18.84 -37.48 28.71
CA HIS A 589 -18.31 -38.79 28.33
C HIS A 589 -19.23 -39.51 27.33
N GLN A 590 -20.52 -39.66 27.70
CA GLN A 590 -21.41 -40.50 26.92
C GLN A 590 -21.77 -39.83 25.61
N GLU A 591 -21.84 -38.51 25.59
CA GLU A 591 -22.02 -37.84 24.31
C GLU A 591 -20.82 -38.12 23.39
N ARG A 592 -19.62 -38.00 23.94
CA ARG A 592 -18.38 -38.14 23.20
C ARG A 592 -18.32 -39.55 22.62
N LEU A 593 -18.64 -40.55 23.44
CA LEU A 593 -18.63 -41.93 22.98
C LEU A 593 -19.70 -42.26 21.92
N GLU A 594 -20.89 -41.70 22.08
CA GLU A 594 -21.95 -41.87 21.07
C GLU A 594 -21.46 -41.32 19.74
N LEU A 595 -20.87 -40.14 19.77
CA LEU A 595 -20.27 -39.52 18.57
C LEU A 595 -19.07 -40.31 17.95
N ARG A 596 -18.21 -40.85 18.79
CA ARG A 596 -17.19 -41.75 18.27
C ARG A 596 -17.87 -42.92 17.56
N ARG A 597 -18.78 -43.61 18.24
CA ARG A 597 -19.55 -44.67 17.61
C ARG A 597 -20.29 -44.27 16.34
N TYR A 598 -20.89 -43.10 16.34
CA TYR A 598 -21.46 -42.58 15.11
C TYR A 598 -20.42 -42.41 14.03
N ILE A 599 -19.23 -41.94 14.39
CA ILE A 599 -18.22 -41.71 13.36
C ILE A 599 -17.52 -42.98 12.86
N ILE A 600 -17.28 -43.92 13.76
CA ILE A 600 -16.81 -45.23 13.36
C ILE A 600 -17.81 -45.82 12.35
N GLU A 601 -19.10 -45.69 12.65
CA GLU A 601 -20.23 -46.24 11.88
C GLU A 601 -20.44 -45.69 10.47
N ASN A 602 -20.58 -44.37 10.33
CA ASN A 602 -20.84 -43.68 9.07
C ASN A 602 -19.89 -42.50 8.87
N ASN A 603 -18.85 -42.66 8.08
CA ASN A 603 -17.94 -41.53 7.79
C ASN A 603 -17.46 -41.49 6.35
N GLY A 604 -17.33 -40.26 5.87
CA GLY A 604 -16.97 -39.98 4.49
C GLY A 604 -15.54 -40.24 4.09
N LEU A 605 -14.77 -40.93 4.92
CA LEU A 605 -13.40 -41.27 4.58
C LEU A 605 -13.29 -41.68 3.12
N ASN A 606 -14.12 -42.67 2.74
CA ASN A 606 -14.36 -43.15 1.36
C ASN A 606 -14.48 -42.03 0.34
N THR A 607 -15.21 -41.01 0.72
CA THR A 607 -15.62 -40.04 -0.24
C THR A 607 -14.48 -39.11 -0.62
N LEU A 608 -13.51 -38.98 0.28
CA LEU A 608 -12.27 -38.24 0.00
C LEU A 608 -11.46 -38.81 -1.19
N PHE A 609 -11.56 -40.12 -1.40
CA PHE A 609 -10.76 -40.82 -2.39
C PHE A 609 -11.37 -40.93 -3.77
N THR A 610 -12.63 -40.55 -3.85
CA THR A 610 -13.27 -40.54 -5.15
C THR A 610 -13.91 -39.20 -5.53
N GLY A 611 -14.22 -39.04 -6.82
CA GLY A 611 -14.96 -37.90 -7.31
C GLY A 611 -14.72 -37.75 -8.79
N ASP A 612 -14.99 -36.57 -9.31
CA ASP A 612 -14.70 -36.30 -10.73
C ASP A 612 -13.55 -35.32 -10.87
N PRO A 613 -12.36 -35.79 -11.25
CA PRO A 613 -11.24 -34.85 -11.20
C PRO A 613 -11.13 -33.89 -12.37
N ARG A 614 -12.07 -34.01 -13.32
CA ARG A 614 -12.06 -33.30 -14.60
C ARG A 614 -12.16 -31.75 -14.57
N PRO A 615 -12.90 -31.18 -13.60
CA PRO A 615 -13.12 -29.72 -13.57
C PRO A 615 -11.89 -28.81 -13.78
N MET A 616 -10.77 -29.12 -13.13
CA MET A 616 -9.64 -28.22 -13.22
C MET A 616 -9.26 -28.00 -14.66
N GLY A 617 -9.12 -29.09 -15.39
CA GLY A 617 -8.83 -29.03 -16.80
C GLY A 617 -9.95 -28.33 -17.53
N GLN A 618 -11.19 -28.74 -17.26
CA GLN A 618 -12.34 -28.09 -17.89
C GLN A 618 -12.25 -26.58 -17.73
N VAL A 619 -12.04 -26.14 -16.48
CA VAL A 619 -12.03 -24.72 -16.18
C VAL A 619 -10.88 -24.03 -16.86
N PHE A 620 -9.67 -24.60 -16.83
CA PHE A 620 -8.56 -23.94 -17.53
C PHE A 620 -8.81 -23.82 -19.01
N LEU A 621 -9.59 -24.75 -19.56
CA LEU A 621 -9.88 -24.71 -20.99
C LEU A 621 -10.74 -23.54 -21.37
N GLU A 622 -11.78 -23.27 -20.57
CA GLU A 622 -12.73 -22.21 -20.81
C GLU A 622 -12.11 -20.82 -20.70
N LYS A 623 -11.40 -20.61 -19.58
CA LYS A 623 -10.55 -19.44 -19.40
C LYS A 623 -9.53 -19.28 -20.53
N LEU A 624 -9.00 -20.39 -21.06
CA LEU A 624 -8.07 -20.24 -22.18
C LEU A 624 -8.82 -19.90 -23.49
N ASN A 625 -9.90 -20.63 -23.76
CA ASN A 625 -10.72 -20.37 -24.93
C ASN A 625 -11.16 -18.90 -24.98
N ALA A 626 -11.61 -18.37 -23.84
CA ALA A 626 -12.00 -16.95 -23.78
C ALA A 626 -10.82 -15.97 -24.00
N PHE A 627 -9.62 -16.36 -23.58
CA PHE A 627 -8.44 -15.59 -23.91
C PHE A 627 -8.18 -15.62 -25.42
N LEU A 628 -8.52 -16.73 -26.08
CA LEU A 628 -8.23 -16.88 -27.52
C LEU A 628 -9.20 -16.18 -28.47
N LYS A 629 -10.38 -15.80 -27.95
CA LYS A 629 -11.32 -14.96 -28.68
C LYS A 629 -10.91 -13.48 -28.64
N GLU A 630 -10.16 -13.10 -27.59
CA GLU A 630 -9.68 -11.72 -27.37
C GLU A 630 -8.14 -11.65 -27.39
N GLU B 15 1.67 58.54 -12.52
CA GLU B 15 3.01 58.02 -12.07
C GLU B 15 3.12 56.47 -12.26
N ASN B 16 2.15 55.73 -11.68
CA ASN B 16 2.22 54.27 -11.64
C ASN B 16 0.90 53.52 -11.93
N LYS B 17 0.28 53.77 -13.09
CA LYS B 17 -0.92 52.99 -13.49
C LYS B 17 -0.72 52.16 -14.78
N PRO B 18 -1.11 50.87 -14.77
CA PRO B 18 -0.77 50.01 -15.93
C PRO B 18 -1.44 50.53 -17.20
N ASN B 19 -0.69 50.63 -18.29
CA ASN B 19 -1.17 51.36 -19.43
C ASN B 19 -0.46 50.81 -20.64
N VAL B 20 -1.22 50.43 -21.67
CA VAL B 20 -0.60 49.73 -22.81
C VAL B 20 0.32 50.64 -23.63
N ALA B 21 -0.19 51.82 -23.98
CA ALA B 21 0.56 52.77 -24.80
C ALA B 21 1.87 53.20 -24.15
N ASN B 22 1.87 53.37 -22.84
CA ASN B 22 3.15 53.67 -22.19
C ASN B 22 4.15 52.55 -22.40
N PHE B 23 3.67 51.31 -22.20
CA PHE B 23 4.53 50.16 -22.46
C PHE B 23 4.99 50.21 -23.95
N GLU B 24 4.06 50.48 -24.86
CA GLU B 24 4.42 50.50 -26.28
C GLU B 24 5.46 51.60 -26.60
N ALA B 25 5.26 52.78 -26.03
CA ALA B 25 6.14 53.95 -26.21
C ALA B 25 7.47 53.68 -25.59
N ALA B 26 7.51 53.05 -24.42
CA ALA B 26 8.80 52.74 -23.80
C ALA B 26 9.60 51.71 -24.62
N VAL B 27 8.90 50.75 -25.24
CA VAL B 27 9.50 49.77 -26.16
C VAL B 27 10.01 50.42 -27.44
N ALA B 28 9.20 51.27 -28.07
CA ALA B 28 9.63 52.00 -29.29
C ALA B 28 10.96 52.75 -29.09
N ALA B 29 11.08 53.47 -27.96
CA ALA B 29 12.27 54.30 -27.64
C ALA B 29 13.51 53.51 -27.16
N LYS B 30 13.33 52.21 -26.97
CA LYS B 30 14.40 51.38 -26.41
C LYS B 30 14.87 51.89 -25.04
N ASP B 31 13.91 52.33 -24.23
CA ASP B 31 14.15 52.57 -22.82
C ASP B 31 13.88 51.27 -22.02
N TYR B 32 14.88 50.41 -21.99
CA TYR B 32 14.69 49.06 -21.51
C TYR B 32 14.21 48.97 -20.10
N GLU B 33 14.77 49.76 -19.18
CA GLU B 33 14.33 49.51 -17.82
C GLU B 33 12.90 49.99 -17.64
N LYS B 34 12.51 50.99 -18.41
CA LYS B 34 11.14 51.47 -18.34
C LYS B 34 10.18 50.52 -19.05
N ALA B 35 10.64 49.93 -20.15
CA ALA B 35 9.80 49.03 -20.92
C ALA B 35 9.42 47.85 -20.01
N CYS B 36 10.43 47.32 -19.31
CA CYS B 36 10.22 46.30 -18.31
C CYS B 36 9.27 46.72 -17.20
N SER B 37 9.48 47.89 -16.64
CA SER B 37 8.76 48.14 -15.43
C SER B 37 7.34 48.46 -15.82
N GLU B 38 7.17 49.00 -17.02
CA GLU B 38 5.86 49.17 -17.67
C GLU B 38 5.15 47.82 -17.92
N LEU B 39 5.90 46.88 -18.45
CA LEU B 39 5.37 45.56 -18.62
C LEU B 39 4.97 44.89 -17.30
N LEU B 40 5.88 44.88 -16.30
CA LEU B 40 5.63 44.21 -15.03
C LEU B 40 4.40 44.75 -14.35
N LEU B 41 4.23 46.05 -14.38
CA LEU B 41 3.02 46.72 -13.97
C LEU B 41 1.74 46.05 -14.55
N ILE B 42 1.71 45.90 -15.88
CA ILE B 42 0.60 45.19 -16.52
C ILE B 42 0.50 43.74 -16.06
N LEU B 43 1.61 42.99 -16.09
CA LEU B 43 1.52 41.60 -15.66
C LEU B 43 0.94 41.46 -14.25
N SER B 44 1.51 42.26 -13.36
CA SER B 44 1.17 42.23 -11.95
C SER B 44 -0.30 42.54 -11.77
N GLN B 45 -0.82 43.42 -12.62
CA GLN B 45 -2.23 43.73 -12.56
C GLN B 45 -3.09 42.54 -13.07
N LEU B 46 -2.60 41.88 -14.12
CA LEU B 46 -3.28 40.69 -14.61
C LEU B 46 -3.35 39.67 -13.47
N ASP B 47 -2.23 39.50 -12.74
CA ASP B 47 -2.16 38.61 -11.57
C ASP B 47 -3.23 38.95 -10.55
N SER B 48 -3.34 40.25 -10.21
CA SER B 48 -4.35 40.73 -9.26
C SER B 48 -5.74 40.47 -9.76
N ASN B 49 -5.97 40.62 -11.06
CA ASN B 49 -7.32 40.45 -11.59
C ASN B 49 -7.67 39.01 -11.89
N PHE B 50 -6.81 38.05 -11.52
CA PHE B 50 -6.97 36.64 -12.00
C PHE B 50 -7.22 36.47 -13.53
N GLY B 51 -6.49 37.28 -14.29
CA GLY B 51 -6.54 37.24 -15.73
C GLY B 51 -7.50 38.26 -16.32
N GLY B 52 -8.33 38.89 -15.51
CA GLY B 52 -9.09 40.05 -16.00
C GLY B 52 -8.19 41.20 -16.43
N ILE B 53 -8.73 42.03 -17.31
CA ILE B 53 -8.08 43.27 -17.79
C ILE B 53 -8.72 44.54 -17.21
N GLN B 54 -9.42 44.44 -16.08
CA GLN B 54 -9.85 45.68 -15.44
C GLN B 54 -8.61 46.46 -14.94
N GLU B 55 -8.75 47.79 -14.93
CA GLU B 55 -7.67 48.69 -14.53
C GLU B 55 -6.49 48.75 -15.50
N ILE B 56 -6.64 48.22 -16.71
CA ILE B 56 -5.56 48.35 -17.65
C ILE B 56 -6.01 49.29 -18.73
N GLU B 57 -5.30 50.39 -18.88
CA GLU B 57 -5.70 51.40 -19.82
C GLU B 57 -5.14 51.06 -21.20
N PHE B 58 -6.05 50.85 -22.16
CA PHE B 58 -5.66 50.76 -23.58
C PHE B 58 -6.80 51.27 -24.43
N GLU B 59 -6.50 51.85 -25.58
CA GLU B 59 -7.55 52.27 -26.52
C GLU B 59 -7.78 51.19 -27.61
N TYR B 60 -8.94 51.20 -28.27
CA TYR B 60 -9.29 50.10 -29.20
C TYR B 60 -10.24 50.57 -30.28
N PRO B 61 -10.35 49.80 -31.36
CA PRO B 61 -11.19 50.37 -32.39
C PRO B 61 -12.65 50.26 -32.02
N ALA B 62 -13.43 51.30 -32.32
CA ALA B 62 -14.84 51.39 -31.89
C ALA B 62 -15.61 50.10 -32.17
N GLN B 63 -15.18 49.31 -33.15
CA GLN B 63 -15.97 48.14 -33.56
C GLN B 63 -16.04 47.13 -32.45
N LEU B 64 -15.12 47.25 -31.50
CA LEU B 64 -14.93 46.23 -30.51
C LEU B 64 -15.68 46.56 -29.23
N GLN B 65 -16.24 47.76 -29.23
CA GLN B 65 -16.91 48.30 -28.04
C GLN B 65 -17.69 47.24 -27.29
N ASP B 66 -18.54 46.51 -27.97
CA ASP B 66 -19.37 45.62 -27.19
C ASP B 66 -19.02 44.17 -27.40
N LEU B 67 -17.84 43.92 -27.97
CA LEU B 67 -17.32 42.57 -28.25
C LEU B 67 -16.16 42.25 -27.30
N GLU B 68 -16.50 41.86 -26.09
CA GLU B 68 -15.51 41.77 -25.03
C GLU B 68 -14.46 40.69 -25.26
N GLN B 69 -14.81 39.53 -25.81
CA GLN B 69 -13.78 38.55 -26.20
C GLN B 69 -12.82 39.16 -27.20
N GLU B 70 -13.37 39.82 -28.20
CA GLU B 70 -12.63 40.33 -29.35
C GLU B 70 -11.69 41.38 -28.82
N LYS B 71 -12.22 42.14 -27.87
CA LYS B 71 -11.43 43.13 -27.14
C LYS B 71 -10.21 42.56 -26.36
N ILE B 72 -10.43 41.41 -25.71
CA ILE B 72 -9.40 40.71 -24.98
C ILE B 72 -8.34 40.19 -25.95
N VAL B 73 -8.78 39.58 -27.04
CA VAL B 73 -7.83 39.03 -27.99
C VAL B 73 -6.94 40.17 -28.54
N TYR B 74 -7.58 41.27 -28.95
CA TYR B 74 -6.87 42.49 -29.35
C TYR B 74 -5.83 42.92 -28.31
N PHE B 75 -6.28 42.97 -27.05
CA PHE B 75 -5.38 43.31 -25.95
C PHE B 75 -4.13 42.43 -25.99
N CYS B 76 -4.35 41.12 -26.05
CA CYS B 76 -3.28 40.13 -25.99
C CYS B 76 -2.32 40.26 -27.19
N THR B 77 -2.91 40.47 -28.36
CA THR B 77 -2.15 40.66 -29.54
C THR B 77 -1.38 41.98 -29.44
N ARG B 78 -2.00 43.08 -29.08
CA ARG B 78 -1.15 44.26 -28.86
C ARG B 78 -0.03 44.02 -27.81
N MET B 79 -0.37 43.37 -26.70
CA MET B 79 0.70 43.07 -25.73
C MET B 79 1.81 42.20 -26.34
N ALA B 80 1.43 41.18 -27.10
CA ALA B 80 2.34 40.20 -27.60
C ALA B 80 3.32 40.76 -28.64
N THR B 81 2.83 41.66 -29.49
CA THR B 81 3.70 42.22 -30.51
C THR B 81 4.71 43.17 -29.82
N ALA B 82 4.34 43.78 -28.70
CA ALA B 82 5.29 44.70 -28.06
C ALA B 82 6.32 43.87 -27.28
N ILE B 83 5.84 42.84 -26.60
CA ILE B 83 6.73 41.96 -25.88
C ILE B 83 7.78 41.35 -26.80
N THR B 84 7.35 40.91 -27.97
CA THR B 84 8.20 40.41 -29.07
C THR B 84 9.30 41.41 -29.48
N THR B 85 8.92 42.62 -29.84
CA THR B 85 9.86 43.68 -30.19
C THR B 85 10.89 43.83 -29.07
N LEU B 86 10.41 43.98 -27.83
CA LEU B 86 11.28 44.10 -26.65
C LEU B 86 12.27 42.95 -26.50
N PHE B 87 11.79 41.72 -26.41
CA PHE B 87 12.67 40.58 -26.13
C PHE B 87 13.49 40.02 -27.30
N SER B 88 13.08 40.35 -28.53
CA SER B 88 13.91 40.07 -29.72
C SER B 88 15.19 40.96 -29.80
N ASP B 89 15.11 42.15 -29.21
CA ASP B 89 16.21 43.08 -29.25
C ASP B 89 17.45 42.58 -28.45
N PRO B 90 18.61 42.37 -29.14
CA PRO B 90 19.77 41.70 -28.50
C PRO B 90 20.48 42.49 -27.40
N VAL B 91 20.21 43.78 -27.34
CA VAL B 91 20.85 44.69 -26.41
C VAL B 91 20.27 44.50 -25.00
N LEU B 92 18.93 44.45 -24.91
CA LEU B 92 18.13 44.28 -23.68
C LEU B 92 18.73 43.38 -22.62
N GLU B 93 18.90 43.99 -21.45
CA GLU B 93 19.36 43.31 -20.24
C GLU B 93 18.26 43.51 -19.22
N ILE B 94 17.96 42.48 -18.46
CA ILE B 94 16.97 42.62 -17.40
C ILE B 94 17.63 42.61 -15.99
N SER B 95 17.20 43.51 -15.09
CA SER B 95 17.75 43.53 -13.69
C SER B 95 17.69 42.14 -13.04
N ASP B 96 18.43 41.95 -11.97
CA ASP B 96 18.36 40.64 -11.32
C ASP B 96 17.01 40.35 -10.66
N LEU B 97 16.40 41.43 -10.19
CA LEU B 97 15.09 41.49 -9.56
C LEU B 97 13.97 41.41 -10.60
N GLY B 98 14.13 42.17 -11.69
CA GLY B 98 13.28 42.04 -12.87
C GLY B 98 13.09 40.58 -13.30
N VAL B 99 14.20 39.82 -13.33
CA VAL B 99 14.19 38.41 -13.74
C VAL B 99 13.30 37.56 -12.84
N GLN B 100 13.37 37.77 -11.54
CA GLN B 100 12.60 36.99 -10.59
C GLN B 100 11.15 37.39 -10.72
N ARG B 101 10.91 38.65 -11.01
CA ARG B 101 9.55 39.07 -11.24
C ARG B 101 8.92 38.44 -12.50
N PHE B 102 9.65 38.40 -13.62
CA PHE B 102 9.08 37.89 -14.86
C PHE B 102 8.78 36.39 -14.71
N LEU B 103 9.67 35.69 -14.01
CA LEU B 103 9.49 34.29 -13.71
C LEU B 103 8.23 34.05 -12.89
N VAL B 104 7.99 34.83 -11.82
CA VAL B 104 6.71 34.69 -11.09
C VAL B 104 5.45 34.95 -11.97
N TYR B 105 5.54 35.83 -12.98
CA TYR B 105 4.35 36.13 -13.78
C TYR B 105 4.34 35.47 -15.13
N GLN B 106 5.16 34.46 -15.34
CA GLN B 106 5.23 33.83 -16.64
C GLN B 106 3.86 33.27 -17.10
N ARG B 107 3.10 32.65 -16.21
CA ARG B 107 1.73 32.25 -16.57
C ARG B 107 0.94 33.35 -17.26
N TRP B 108 1.20 34.61 -16.96
CA TRP B 108 0.40 35.64 -17.60
C TRP B 108 0.98 35.97 -18.99
N LEU B 109 2.30 35.96 -19.08
CA LEU B 109 2.92 35.97 -20.39
C LEU B 109 2.38 34.83 -21.18
N ALA B 110 2.34 33.64 -20.57
CA ALA B 110 1.78 32.46 -21.24
C ALA B 110 0.43 32.79 -21.92
N LEU B 111 -0.54 33.27 -21.13
CA LEU B 111 -1.87 33.63 -21.63
C LEU B 111 -1.91 34.76 -22.64
N ILE B 112 -0.99 35.70 -22.56
CA ILE B 112 -0.96 36.79 -23.54
C ILE B 112 -0.63 36.17 -24.89
N PHE B 113 0.35 35.28 -24.95
CA PHE B 113 0.65 34.68 -26.25
C PHE B 113 -0.41 33.65 -26.67
N ALA B 114 -0.80 32.77 -25.75
CA ALA B 114 -1.83 31.72 -25.99
C ALA B 114 -3.21 32.23 -26.45
N SER B 115 -3.65 33.39 -26.00
CA SER B 115 -4.95 33.91 -26.43
C SER B 115 -4.77 34.87 -27.56
N SER B 116 -3.53 35.06 -27.98
CA SER B 116 -3.29 35.72 -29.24
C SER B 116 -3.18 34.70 -30.37
N PRO B 117 -3.18 35.19 -31.62
CA PRO B 117 -2.95 34.22 -32.72
C PRO B 117 -1.54 33.65 -32.71
N PHE B 118 -0.67 34.19 -31.87
CA PHE B 118 0.74 33.81 -31.92
C PHE B 118 0.98 32.47 -31.26
N VAL B 119 0.05 32.05 -30.39
CA VAL B 119 0.12 30.75 -29.69
C VAL B 119 1.16 30.70 -28.59
N ASN B 120 2.42 30.91 -28.95
CA ASN B 120 3.50 30.98 -28.00
C ASN B 120 4.47 32.03 -28.47
N ALA B 121 5.58 32.16 -27.70
CA ALA B 121 6.69 33.05 -27.98
C ALA B 121 7.88 32.37 -28.66
N ASP B 122 7.65 31.28 -29.37
CA ASP B 122 8.77 30.59 -30.04
C ASP B 122 9.48 31.44 -31.13
N HIS B 123 8.79 32.42 -31.71
CA HIS B 123 9.41 33.37 -32.65
C HIS B 123 10.43 34.27 -31.97
N ILE B 124 10.24 34.54 -30.67
CA ILE B 124 11.24 35.28 -29.91
C ILE B 124 12.37 34.36 -29.51
N LEU B 125 12.06 33.17 -29.02
CA LEU B 125 13.10 32.20 -28.69
C LEU B 125 14.02 31.90 -29.85
N GLN B 126 13.49 31.89 -31.07
CA GLN B 126 14.28 31.47 -32.21
C GLN B 126 15.40 32.49 -32.49
N THR B 127 15.22 33.74 -32.06
CA THR B 127 16.24 34.76 -32.28
C THR B 127 17.43 34.63 -31.32
N TYR B 128 17.44 33.59 -30.49
CA TYR B 128 18.45 33.47 -29.43
C TYR B 128 19.56 32.42 -29.72
N ASN B 129 19.61 31.86 -30.94
CA ASN B 129 20.82 31.05 -31.27
C ASN B 129 21.58 31.40 -32.55
N SER B 145 26.08 32.68 -23.14
CA SER B 145 25.47 33.75 -22.37
C SER B 145 24.41 33.24 -21.38
N LYS B 146 24.39 33.86 -20.19
CA LYS B 146 23.37 33.62 -19.16
C LYS B 146 22.25 34.66 -19.29
N SER B 147 22.59 35.83 -19.85
CA SER B 147 21.59 36.82 -20.30
C SER B 147 20.62 36.14 -21.31
N SER B 148 21.15 35.17 -22.06
CA SER B 148 20.41 34.49 -23.13
C SER B 148 19.56 33.33 -22.57
N LEU B 149 20.16 32.55 -21.69
CA LEU B 149 19.50 31.53 -20.90
C LEU B 149 18.37 32.10 -20.06
N ILE B 150 18.58 33.28 -19.52
CA ILE B 150 17.55 33.95 -18.75
C ILE B 150 16.37 34.38 -19.65
N LYS B 151 16.66 35.10 -20.73
CA LYS B 151 15.59 35.47 -21.67
C LYS B 151 14.88 34.20 -22.14
N PHE B 152 15.63 33.16 -22.46
CA PHE B 152 15.06 31.86 -22.79
C PHE B 152 14.00 31.37 -21.78
N CYS B 153 14.39 31.24 -20.50
CA CYS B 153 13.55 30.74 -19.44
C CYS B 153 12.22 31.50 -19.27
N ILE B 154 12.31 32.82 -19.44
CA ILE B 154 11.21 33.68 -19.29
C ILE B 154 10.22 33.35 -20.38
N LEU B 155 10.72 33.09 -21.60
CA LEU B 155 9.75 32.91 -22.67
C LEU B 155 9.53 31.50 -23.08
N TYR B 156 10.06 30.55 -22.32
CA TYR B 156 9.80 29.11 -22.58
C TYR B 156 8.48 28.74 -21.94
N LEU B 157 7.40 29.03 -22.65
CA LEU B 157 6.05 28.94 -22.17
C LEU B 157 5.48 27.56 -22.31
N PRO B 158 4.45 27.24 -21.52
CA PRO B 158 3.84 25.88 -21.67
C PRO B 158 3.44 25.45 -23.12
N GLU B 159 3.09 26.42 -23.95
CA GLU B 159 2.67 26.10 -25.31
C GLU B 159 3.85 26.07 -26.27
N SER B 160 5.06 26.15 -25.72
CA SER B 160 6.21 26.32 -26.54
C SER B 160 6.48 24.97 -27.25
N ASN B 161 6.83 25.01 -28.53
CA ASN B 161 7.17 23.76 -29.26
C ASN B 161 8.65 23.39 -29.26
N VAL B 162 9.47 24.23 -28.69
CA VAL B 162 10.87 23.93 -28.46
C VAL B 162 10.98 22.87 -27.36
N ASN B 163 11.91 21.91 -27.54
CA ASN B 163 12.20 20.86 -26.55
C ASN B 163 13.40 21.23 -25.71
N LEU B 164 13.52 20.59 -24.55
CA LEU B 164 14.48 21.01 -23.52
C LEU B 164 14.82 19.79 -22.75
N ASN B 165 16.07 19.74 -22.29
CA ASN B 165 16.49 18.68 -21.43
C ASN B 165 16.82 19.37 -20.13
N LEU B 166 16.05 19.07 -19.13
CA LEU B 166 16.17 19.77 -17.89
C LEU B 166 17.46 19.39 -17.09
N ASP B 167 18.04 18.23 -17.37
CA ASP B 167 19.25 17.80 -16.71
C ASP B 167 20.44 18.67 -17.15
N VAL B 168 20.54 19.04 -18.44
CA VAL B 168 21.59 19.99 -18.82
C VAL B 168 21.41 21.40 -18.25
N MET B 169 20.20 21.95 -18.33
CA MET B 169 19.95 23.24 -17.74
C MET B 169 20.23 23.23 -16.25
N TRP B 170 19.78 22.20 -15.55
CA TRP B 170 19.97 22.14 -14.12
C TRP B 170 21.46 22.05 -13.77
N ASN B 171 22.25 21.39 -14.63
CA ASN B 171 23.67 21.14 -14.34
C ASN B 171 24.45 22.45 -14.34
N ILE B 172 23.94 23.44 -15.09
CA ILE B 172 24.44 24.81 -15.16
C ILE B 172 23.85 25.77 -14.10
N SER B 173 22.53 25.80 -13.94
CA SER B 173 21.92 26.73 -12.94
C SER B 173 20.69 26.09 -12.32
N PRO B 174 20.86 25.44 -11.15
CA PRO B 174 19.75 24.72 -10.58
C PRO B 174 18.55 25.63 -10.23
N GLU B 175 18.82 26.86 -9.81
CA GLU B 175 17.83 27.82 -9.35
C GLU B 175 16.96 28.39 -10.45
N LEU B 176 17.59 28.60 -11.61
CA LEU B 176 16.87 29.13 -12.73
C LEU B 176 16.00 28.01 -13.30
N CYS B 177 16.61 26.85 -13.50
CA CYS B 177 15.88 25.66 -13.86
C CYS B 177 14.70 25.42 -12.90
N ALA B 178 14.92 25.46 -11.58
CA ALA B 178 13.81 25.31 -10.64
C ALA B 178 12.74 26.43 -10.78
N SER B 179 13.18 27.65 -11.04
CA SER B 179 12.27 28.72 -11.31
C SER B 179 11.41 28.41 -12.51
N LEU B 180 12.04 27.98 -13.59
CA LEU B 180 11.27 27.58 -14.77
C LEU B 180 10.25 26.48 -14.42
N CYS B 181 10.66 25.43 -13.73
CA CYS B 181 9.74 24.37 -13.33
C CYS B 181 8.55 24.89 -12.51
N PHE B 182 8.79 25.88 -11.62
CA PHE B 182 7.78 26.48 -10.82
C PHE B 182 6.81 27.14 -11.79
N ALA B 183 7.35 28.00 -12.66
CA ALA B 183 6.58 28.71 -13.67
C ALA B 183 5.66 27.79 -14.52
N LEU B 184 6.16 26.66 -14.96
CA LEU B 184 5.37 25.80 -15.78
C LEU B 184 4.24 25.11 -15.02
N GLN B 185 4.38 25.02 -13.69
CA GLN B 185 3.40 24.38 -12.81
C GLN B 185 2.36 25.38 -12.37
N SER B 186 2.70 26.66 -12.46
CA SER B 186 1.89 27.68 -11.86
C SER B 186 0.55 28.04 -12.56
N PRO B 187 0.37 27.75 -13.86
CA PRO B 187 -0.88 28.25 -14.49
C PRO B 187 -2.11 27.55 -13.95
N ARG B 188 -3.24 28.23 -13.97
CA ARG B 188 -4.52 27.60 -13.57
C ARG B 188 -5.21 26.93 -14.77
N PHE B 189 -4.65 27.11 -15.96
CA PHE B 189 -5.06 26.31 -17.09
C PHE B 189 -3.83 25.64 -17.70
N ILE B 190 -3.80 24.31 -17.69
CA ILE B 190 -2.68 23.59 -18.28
C ILE B 190 -3.35 22.41 -18.91
N GLY B 191 -4.16 22.60 -19.96
CA GLY B 191 -5.07 21.56 -20.40
C GLY B 191 -4.74 21.01 -21.76
N THR B 192 -4.09 21.84 -22.59
CA THR B 192 -3.68 21.36 -23.89
C THR B 192 -2.59 20.31 -23.76
N SER B 193 -2.58 19.48 -24.77
CA SER B 193 -1.67 18.39 -24.83
C SER B 193 -0.19 18.88 -24.73
N THR B 194 0.08 20.07 -25.27
CA THR B 194 1.44 20.61 -25.22
C THR B 194 1.85 21.05 -23.80
N ALA B 195 0.98 21.80 -23.14
CA ALA B 195 1.25 22.36 -21.83
C ALA B 195 1.11 21.23 -20.86
N PHE B 196 0.20 20.31 -21.12
CA PHE B 196 -0.04 19.27 -20.13
C PHE B 196 1.11 18.25 -20.13
N ASN B 197 1.63 17.95 -21.32
CA ASN B 197 2.77 17.05 -21.38
C ASN B 197 4.02 17.62 -20.70
N LYS B 198 4.22 18.95 -20.77
CA LYS B 198 5.35 19.55 -20.11
C LYS B 198 5.18 19.43 -18.63
N ARG B 199 3.97 19.70 -18.14
CA ARG B 199 3.78 19.71 -16.71
C ARG B 199 3.96 18.31 -16.19
N ALA B 200 3.51 17.32 -16.95
CA ALA B 200 3.56 15.91 -16.55
C ALA B 200 4.96 15.42 -16.35
N THR B 201 5.82 15.85 -17.28
CA THR B 201 7.23 15.50 -17.17
C THR B 201 7.86 16.10 -15.90
N ILE B 202 7.62 17.36 -15.65
CA ILE B 202 8.21 18.07 -14.53
C ILE B 202 7.86 17.40 -13.17
N LEU B 203 6.65 16.84 -13.08
CA LEU B 203 6.20 16.15 -11.87
C LEU B 203 6.95 14.88 -11.66
N GLN B 204 7.46 14.32 -12.75
CA GLN B 204 8.28 13.12 -12.66
C GLN B 204 9.73 13.54 -12.36
N TRP B 205 10.25 14.48 -13.13
CA TRP B 205 11.68 14.81 -13.11
C TRP B 205 12.07 15.75 -11.97
N PHE B 206 11.24 16.75 -11.70
CA PHE B 206 11.59 17.82 -10.74
C PHE B 206 11.75 17.48 -9.21
N PRO B 207 10.88 16.62 -8.62
CA PRO B 207 10.93 16.47 -7.17
C PRO B 207 12.29 16.14 -6.58
N ARG B 208 12.96 15.15 -7.15
CA ARG B 208 14.25 14.74 -6.61
C ARG B 208 15.29 15.87 -6.72
N HIS B 209 15.05 16.84 -7.62
CA HIS B 209 15.91 17.98 -7.84
C HIS B 209 15.61 19.12 -6.88
N LEU B 210 14.35 19.57 -6.87
CA LEU B 210 13.80 20.50 -5.86
C LEU B 210 14.25 20.10 -4.46
N ASP B 211 14.19 18.80 -4.21
CA ASP B 211 14.58 18.19 -2.96
C ASP B 211 16.02 18.49 -2.53
N GLN B 212 16.86 19.00 -3.44
CA GLN B 212 18.25 19.39 -3.11
C GLN B 212 18.39 20.86 -2.71
N LEU B 213 17.36 21.68 -2.95
CA LEU B 213 17.45 23.11 -2.57
C LEU B 213 17.53 23.38 -1.05
N LYS B 214 18.27 24.43 -0.66
CA LYS B 214 18.55 24.80 0.74
C LYS B 214 17.50 25.78 1.24
N ASN B 215 16.69 26.30 0.33
CA ASN B 215 15.70 27.30 0.70
C ASN B 215 15.11 27.91 -0.56
N LEU B 216 14.43 29.03 -0.39
CA LEU B 216 13.49 29.52 -1.36
C LEU B 216 13.94 30.86 -1.82
N ASN B 217 15.21 31.16 -1.59
CA ASN B 217 15.70 32.51 -1.82
C ASN B 217 15.75 32.96 -3.25
N ASN B 218 16.20 32.08 -4.13
CA ASN B 218 16.24 32.50 -5.53
C ASN B 218 15.26 31.75 -6.43
N ILE B 219 14.15 31.24 -5.89
CA ILE B 219 13.18 30.63 -6.80
C ILE B 219 11.93 31.44 -6.60
N PRO B 220 10.91 31.33 -7.51
CA PRO B 220 9.74 32.19 -7.40
C PRO B 220 8.79 31.70 -6.31
N SER B 221 9.02 32.21 -5.11
CA SER B 221 8.37 31.62 -3.97
C SER B 221 6.92 32.11 -3.86
N ALA B 222 6.62 33.25 -4.46
CA ALA B 222 5.25 33.72 -4.47
C ALA B 222 4.24 32.77 -5.20
N ILE B 223 4.67 31.71 -5.88
CA ILE B 223 3.68 30.77 -6.40
C ILE B 223 3.86 29.35 -5.94
N SER B 224 4.54 29.14 -4.80
CA SER B 224 4.64 27.79 -4.21
C SER B 224 3.31 27.11 -3.96
N HIS B 225 2.31 27.85 -3.52
CA HIS B 225 0.99 27.24 -3.27
C HIS B 225 0.38 26.79 -4.55
N ASP B 226 0.66 27.48 -5.65
CA ASP B 226 0.09 27.04 -6.94
C ASP B 226 0.74 25.73 -7.31
N VAL B 227 2.06 25.69 -7.21
CA VAL B 227 2.79 24.47 -7.44
C VAL B 227 2.29 23.37 -6.48
N TYR B 228 2.07 23.78 -5.25
CA TYR B 228 1.60 22.80 -4.28
C TYR B 228 0.24 22.19 -4.65
N MET B 229 -0.63 23.01 -5.20
CA MET B 229 -2.01 22.58 -5.53
C MET B 229 -2.15 21.99 -6.92
N HIS B 230 -1.51 22.58 -7.92
CA HIS B 230 -1.87 22.15 -9.27
C HIS B 230 -1.46 20.73 -9.63
N CYS B 231 -0.44 20.21 -8.96
CA CYS B 231 -0.01 18.85 -9.25
C CYS B 231 -1.14 17.83 -9.13
N SER B 232 -2.20 18.12 -8.35
CA SER B 232 -3.32 17.16 -8.21
C SER B 232 -4.12 16.93 -9.49
N TYR B 233 -3.98 17.87 -10.42
CA TYR B 233 -4.75 17.83 -11.65
C TYR B 233 -4.12 16.98 -12.75
N ASP B 234 -2.95 16.41 -12.49
CA ASP B 234 -2.28 15.53 -13.45
C ASP B 234 -2.81 14.12 -13.24
N THR B 235 -2.42 13.16 -14.09
CA THR B 235 -3.00 11.86 -13.98
C THR B 235 -2.09 10.76 -13.48
N SER B 236 -0.84 11.08 -13.14
CA SER B 236 0.08 10.01 -12.83
C SER B 236 -0.09 9.64 -11.35
N VAL B 237 0.30 8.42 -11.04
CA VAL B 237 0.07 7.88 -9.70
C VAL B 237 0.90 8.64 -8.64
N ASN B 238 2.15 8.98 -8.99
CA ASN B 238 3.06 9.71 -8.08
C ASN B 238 2.99 11.27 -8.25
N LYS B 239 1.85 11.80 -8.70
CA LYS B 239 1.75 13.27 -9.02
C LYS B 239 2.02 14.20 -7.82
N HIS B 240 1.81 13.71 -6.61
CA HIS B 240 2.02 14.55 -5.47
C HIS B 240 3.44 14.59 -4.99
N ASP B 241 4.36 13.84 -5.62
CA ASP B 241 5.76 13.75 -5.21
C ASP B 241 6.39 15.11 -4.98
N VAL B 242 6.04 16.06 -5.81
CA VAL B 242 6.59 17.40 -5.71
C VAL B 242 6.25 18.06 -4.36
N LYS B 243 5.10 17.70 -3.75
CA LYS B 243 4.72 18.26 -2.43
C LYS B 243 5.69 17.85 -1.32
N ARG B 244 6.10 16.57 -1.31
CA ARG B 244 7.11 16.11 -0.34
C ARG B 244 8.36 17.01 -0.44
N ALA B 245 8.87 17.19 -1.65
CA ALA B 245 10.09 17.95 -1.85
C ALA B 245 9.88 19.43 -1.53
N LEU B 246 8.72 19.95 -1.88
CA LEU B 246 8.42 21.32 -1.52
C LEU B 246 8.49 21.51 0.02
N ASN B 247 7.75 20.68 0.76
CA ASN B 247 7.74 20.74 2.23
C ASN B 247 9.18 20.73 2.78
N HIS B 248 10.01 19.80 2.32
CA HIS B 248 11.43 19.81 2.70
C HIS B 248 12.07 21.14 2.48
N VAL B 249 11.86 21.75 1.33
CA VAL B 249 12.61 22.95 1.09
C VAL B 249 12.11 24.02 2.01
N ILE B 250 10.79 24.13 2.18
CA ILE B 250 10.13 25.09 3.04
C ILE B 250 10.60 24.96 4.49
N ARG B 251 10.60 23.74 5.00
CA ARG B 251 11.09 23.46 6.34
C ARG B 251 12.52 23.94 6.55
N ARG B 252 13.41 23.72 5.58
CA ARG B 252 14.79 24.23 5.70
C ARG B 252 14.78 25.77 5.74
N HIS B 253 13.89 26.39 4.97
CA HIS B 253 13.92 27.84 4.76
C HIS B 253 13.49 28.56 6.02
N ILE B 254 12.49 27.98 6.71
CA ILE B 254 12.02 28.56 7.93
C ILE B 254 13.03 28.40 9.07
N GLU B 255 13.67 27.22 9.17
CA GLU B 255 14.80 27.04 10.07
C GLU B 255 15.91 28.02 9.77
N SER B 256 16.49 28.00 8.58
CA SER B 256 17.67 28.81 8.34
C SER B 256 17.41 30.29 8.11
N GLU B 257 16.25 30.68 7.57
CA GLU B 257 16.02 32.10 7.24
C GLU B 257 15.14 32.83 8.24
N TYR B 258 14.34 32.07 9.00
CA TYR B 258 13.57 32.58 10.10
C TYR B 258 14.18 32.04 11.41
N GLY B 259 13.72 32.56 12.54
CA GLY B 259 14.31 32.04 13.78
C GLY B 259 13.86 30.61 14.05
N TRP B 260 12.98 30.12 13.19
CA TRP B 260 12.03 29.10 13.60
C TRP B 260 12.50 28.08 14.62
N LYS B 261 11.74 27.99 15.71
CA LYS B 261 11.87 26.88 16.65
C LYS B 261 10.50 26.28 16.83
N ASP B 262 10.44 24.96 16.85
CA ASP B 262 9.20 24.28 17.15
C ASP B 262 8.76 24.52 18.60
N ARG B 263 7.47 24.37 18.87
CA ARG B 263 6.96 24.36 20.22
C ARG B 263 7.37 23.03 20.89
N ASP B 264 7.55 23.09 22.21
CA ASP B 264 7.65 21.89 23.03
C ASP B 264 6.19 21.50 23.20
N VAL B 265 5.82 20.29 22.84
CA VAL B 265 4.40 20.01 22.82
C VAL B 265 4.00 18.94 23.82
N ALA B 266 4.89 18.64 24.76
CA ALA B 266 4.56 17.65 25.79
C ALA B 266 3.50 18.18 26.74
N HIS B 267 3.40 19.51 26.89
CA HIS B 267 2.39 20.09 27.79
C HIS B 267 1.25 20.91 27.14
N ILE B 268 0.03 20.49 27.38
CA ILE B 268 -1.11 21.14 26.76
C ILE B 268 -1.80 21.99 27.79
N GLY B 269 -2.51 23.05 27.39
CA GLY B 269 -3.24 23.94 28.33
C GLY B 269 -4.74 23.72 28.33
N TYR B 270 -5.50 24.63 28.96
CA TYR B 270 -6.97 24.48 29.08
C TYR B 270 -7.59 25.86 29.06
N ARG B 271 -8.83 25.95 28.60
CA ARG B 271 -9.55 27.20 28.47
C ARG B 271 -10.99 26.77 28.64
N ASN B 272 -11.80 27.49 29.43
CA ASN B 272 -13.13 27.04 29.89
C ASN B 272 -13.11 25.54 30.14
N ASN B 273 -12.09 25.07 30.85
CA ASN B 273 -11.98 23.68 31.24
C ASN B 273 -11.94 22.59 30.13
N LYS B 274 -11.55 23.01 28.92
CA LYS B 274 -11.38 22.08 27.83
C LYS B 274 -10.00 22.25 27.22
N PRO B 275 -9.44 21.16 26.64
CA PRO B 275 -8.25 21.33 25.79
C PRO B 275 -8.60 22.17 24.57
N VAL B 276 -7.58 22.69 23.93
CA VAL B 276 -7.72 23.75 22.96
C VAL B 276 -7.38 23.23 21.56
N MET B 277 -8.32 23.43 20.65
CA MET B 277 -8.18 23.17 19.24
C MET B 277 -7.95 24.52 18.55
N VAL B 278 -6.80 24.66 17.91
CA VAL B 278 -6.52 25.83 17.10
C VAL B 278 -6.71 25.47 15.61
N VAL B 279 -7.48 26.27 14.87
CA VAL B 279 -7.89 25.89 13.53
C VAL B 279 -7.39 27.02 12.63
N LEU B 280 -6.44 26.69 11.74
CA LEU B 280 -5.91 27.73 10.91
C LEU B 280 -6.81 27.66 9.68
N LEU B 281 -7.43 28.76 9.33
CA LEU B 281 -8.34 28.81 8.20
C LEU B 281 -7.67 29.36 6.93
N GLU B 282 -8.32 29.06 5.79
CA GLU B 282 -7.94 29.53 4.47
C GLU B 282 -9.21 30.26 3.93
N HIS B 283 -10.17 29.55 3.39
CA HIS B 283 -11.34 30.23 2.94
C HIS B 283 -12.42 29.79 3.92
N PHE B 284 -13.14 30.72 4.51
CA PHE B 284 -14.12 30.33 5.48
C PHE B 284 -15.30 31.29 5.56
N HIS B 285 -15.66 31.84 4.42
CA HIS B 285 -16.86 32.66 4.38
C HIS B 285 -18.15 31.81 4.49
N SER B 286 -19.16 32.27 5.23
CA SER B 286 -20.37 31.51 5.43
C SER B 286 -21.15 31.21 4.16
N ALA B 287 -20.81 31.83 3.04
CA ALA B 287 -21.53 31.53 1.80
C ALA B 287 -20.76 30.51 0.96
N HIS B 288 -19.53 30.23 1.37
CA HIS B 288 -18.69 29.37 0.56
C HIS B 288 -18.52 27.90 1.07
N SER B 289 -17.70 27.10 0.42
CA SER B 289 -18.01 25.68 0.52
C SER B 289 -17.30 24.97 1.65
N ILE B 290 -16.15 25.49 2.08
CA ILE B 290 -15.48 24.94 3.26
C ILE B 290 -16.35 25.07 4.53
N TYR B 291 -16.92 26.26 4.75
CA TYR B 291 -17.89 26.56 5.82
C TYR B 291 -19.10 25.65 5.74
N ARG B 292 -19.72 25.56 4.55
CA ARG B 292 -20.84 24.67 4.31
C ARG B 292 -20.54 23.23 4.77
N THR B 293 -19.31 22.76 4.56
CA THR B 293 -18.96 21.35 4.74
C THR B 293 -18.55 21.10 6.21
N HIS B 294 -17.85 22.06 6.80
CA HIS B 294 -17.18 21.84 8.09
C HIS B 294 -17.75 22.49 9.33
N SER B 295 -18.61 23.49 9.16
CA SER B 295 -18.95 24.31 10.28
C SER B 295 -19.72 23.53 11.30
N THR B 296 -20.67 22.71 10.85
CA THR B 296 -21.47 21.93 11.82
C THR B 296 -20.57 21.01 12.64
N SER B 297 -19.58 20.41 11.98
CA SER B 297 -18.66 19.49 12.63
C SER B 297 -17.74 20.20 13.60
N MET B 298 -17.26 21.39 13.21
CA MET B 298 -16.46 22.19 14.12
C MET B 298 -17.23 22.65 15.38
N ILE B 299 -18.47 23.14 15.18
CA ILE B 299 -19.33 23.52 16.28
C ILE B 299 -19.54 22.35 17.25
N ALA B 300 -19.79 21.14 16.74
CA ALA B 300 -20.08 19.99 17.58
C ALA B 300 -18.84 19.62 18.38
N ALA B 301 -17.68 20.04 17.88
CA ALA B 301 -16.41 19.70 18.49
C ALA B 301 -16.17 20.55 19.73
N ARG B 302 -16.97 21.61 19.87
CA ARG B 302 -16.91 22.47 21.03
C ARG B 302 -17.37 21.78 22.33
N GLU B 303 -18.15 20.72 22.20
CA GLU B 303 -18.49 19.88 23.31
C GLU B 303 -17.24 19.38 24.05
N HIS B 304 -16.16 19.08 23.32
CA HIS B 304 -14.95 18.52 23.94
C HIS B 304 -13.74 19.41 23.88
N PHE B 305 -13.78 20.42 23.03
CA PHE B 305 -12.65 21.32 22.92
C PHE B 305 -13.08 22.77 22.92
N TYR B 306 -12.11 23.57 23.30
CA TYR B 306 -12.13 25.01 23.12
C TYR B 306 -11.50 25.43 21.77
N LEU B 307 -12.28 26.06 20.90
CA LEU B 307 -11.91 26.23 19.49
C LEU B 307 -11.49 27.63 19.18
N ILE B 308 -10.24 27.76 18.77
CA ILE B 308 -9.68 29.02 18.42
C ILE B 308 -9.48 29.04 16.93
N GLY B 309 -10.09 29.99 16.25
CA GLY B 309 -9.97 30.07 14.81
C GLY B 309 -9.10 31.24 14.42
N LEU B 310 -8.12 30.96 13.54
CA LEU B 310 -7.20 31.95 12.99
C LEU B 310 -7.46 32.13 11.47
N GLY B 311 -7.58 33.38 11.04
CA GLY B 311 -8.27 33.63 9.80
C GLY B 311 -7.96 34.97 9.23
N SER B 312 -8.67 35.36 8.21
CA SER B 312 -8.26 36.56 7.52
C SER B 312 -9.45 37.45 7.44
N PRO B 313 -9.23 38.70 6.97
CA PRO B 313 -10.33 39.70 7.04
C PRO B 313 -11.56 39.34 6.23
N SER B 314 -11.44 38.36 5.35
CA SER B 314 -12.60 37.90 4.60
C SER B 314 -13.33 36.66 5.19
N VAL B 315 -13.08 36.36 6.48
CA VAL B 315 -14.01 35.51 7.20
C VAL B 315 -15.17 36.38 7.67
N ASP B 316 -16.40 36.03 7.29
CA ASP B 316 -17.56 36.88 7.63
C ASP B 316 -17.92 36.59 9.08
N GLN B 317 -18.78 37.40 9.69
CA GLN B 317 -19.15 37.24 11.13
C GLN B 317 -19.65 35.82 11.52
N ALA B 318 -20.50 35.22 10.69
CA ALA B 318 -20.96 33.84 10.88
C ALA B 318 -19.81 32.82 10.81
N GLY B 319 -18.88 33.00 9.89
CA GLY B 319 -17.68 32.16 9.91
C GLY B 319 -16.90 32.21 11.22
N GLN B 320 -16.69 33.40 11.79
CA GLN B 320 -15.95 33.53 13.08
C GLN B 320 -16.69 33.00 14.34
N GLU B 321 -18.03 33.09 14.32
CA GLU B 321 -18.88 32.59 15.42
C GLU B 321 -18.90 31.07 15.54
N VAL B 322 -18.42 30.38 14.51
CA VAL B 322 -18.14 28.97 14.67
C VAL B 322 -17.23 28.73 15.89
N PHE B 323 -16.31 29.65 16.14
CA PHE B 323 -15.28 29.43 17.13
C PHE B 323 -15.60 30.00 18.53
N ASP B 324 -14.87 29.54 19.55
CA ASP B 324 -15.03 30.07 20.86
C ASP B 324 -14.33 31.41 20.81
N GLU B 325 -13.34 31.54 19.92
CA GLU B 325 -12.46 32.65 19.86
C GLU B 325 -11.99 32.83 18.43
N PHE B 326 -11.88 34.06 17.97
CA PHE B 326 -11.35 34.31 16.61
C PHE B 326 -10.28 35.36 16.59
N HIS B 327 -9.28 35.14 15.71
CA HIS B 327 -8.17 36.10 15.45
C HIS B 327 -7.83 36.25 13.97
N LEU B 328 -7.62 37.47 13.54
CA LEU B 328 -6.92 37.69 12.30
C LEU B 328 -5.50 37.12 12.43
N VAL B 329 -4.98 36.52 11.34
CA VAL B 329 -3.55 36.25 11.34
C VAL B 329 -2.71 37.53 11.10
N ALA B 330 -2.06 38.01 12.18
CA ALA B 330 -1.31 39.28 12.19
C ALA B 330 0.10 39.20 11.60
N GLY B 331 0.55 40.27 10.95
CA GLY B 331 1.95 40.36 10.54
C GLY B 331 2.14 40.71 9.09
N ASP B 332 3.30 41.30 8.77
CA ASP B 332 3.54 41.87 7.44
C ASP B 332 4.22 40.89 6.48
N ASN B 333 4.64 39.72 6.96
CA ASN B 333 5.43 38.81 6.14
C ASN B 333 5.27 37.40 6.68
N MET B 334 5.75 36.40 5.94
CA MET B 334 5.47 35.03 6.37
C MET B 334 5.98 34.80 7.78
N LYS B 335 7.24 35.15 8.03
CA LYS B 335 7.85 35.01 9.36
C LYS B 335 6.89 35.44 10.50
N GLN B 336 6.38 36.67 10.43
CA GLN B 336 5.57 37.29 11.47
C GLN B 336 4.25 36.60 11.71
N LYS B 337 3.64 36.14 10.60
CA LYS B 337 2.42 35.39 10.60
C LYS B 337 2.62 34.06 11.32
N LEU B 338 3.68 33.34 10.96
CA LEU B 338 4.10 32.13 11.69
C LEU B 338 4.39 32.38 13.17
N GLU B 339 4.95 33.53 13.52
CA GLU B 339 5.20 33.76 14.92
C GLU B 339 3.87 34.08 15.66
N PHE B 340 2.94 34.66 14.92
CA PHE B 340 1.66 34.99 15.52
C PHE B 340 0.94 33.70 15.82
N ILE B 341 1.01 32.77 14.85
CA ILE B 341 0.31 31.50 14.93
C ILE B 341 0.84 30.70 16.08
N ARG B 342 2.14 30.73 16.23
CA ARG B 342 2.83 29.99 17.25
C ARG B 342 2.49 30.63 18.56
N SER B 343 2.40 31.95 18.58
CA SER B 343 2.17 32.59 19.85
C SER B 343 0.80 32.22 20.39
N VAL B 344 -0.14 31.97 19.50
CA VAL B 344 -1.49 31.62 19.87
C VAL B 344 -1.47 30.20 20.37
N CYS B 345 -0.67 29.34 19.74
CA CYS B 345 -0.58 27.96 20.21
C CYS B 345 0.18 27.89 21.53
N GLU B 346 1.17 28.77 21.71
CA GLU B 346 1.97 28.76 22.94
C GLU B 346 1.19 29.30 24.14
N SER B 347 0.51 30.43 23.94
CA SER B 347 -0.17 31.05 25.02
C SER B 347 -1.30 30.13 25.56
N ASN B 348 -2.00 29.43 24.66
CA ASN B 348 -3.04 28.48 25.08
C ASN B 348 -2.56 27.05 25.18
N GLY B 349 -1.31 26.79 24.83
CA GLY B 349 -0.84 25.41 24.86
C GLY B 349 -1.76 24.49 24.05
N ALA B 350 -1.80 24.67 22.72
CA ALA B 350 -2.77 23.94 21.87
C ALA B 350 -2.56 22.42 21.92
N ALA B 351 -3.63 21.64 21.99
CA ALA B 351 -3.58 20.19 21.83
C ALA B 351 -3.82 19.73 20.38
N ILE B 352 -4.68 20.42 19.65
CA ILE B 352 -4.93 20.03 18.27
C ILE B 352 -4.67 21.23 17.45
N PHE B 353 -3.97 21.09 16.34
CA PHE B 353 -3.87 22.14 15.38
C PHE B 353 -4.52 21.53 14.11
N TYR B 354 -5.54 22.19 13.58
CA TYR B 354 -6.37 21.63 12.55
C TYR B 354 -6.52 22.58 11.35
N MET B 355 -6.38 22.04 10.14
CA MET B 355 -6.50 22.82 8.97
C MET B 355 -7.53 22.18 8.08
N PRO B 356 -8.74 22.77 8.03
CA PRO B 356 -9.74 22.08 7.20
C PRO B 356 -9.38 22.09 5.69
N SER B 357 -8.58 23.07 5.27
CA SER B 357 -7.99 22.98 3.96
C SER B 357 -6.56 23.52 3.93
N ILE B 358 -5.74 22.92 3.08
CA ILE B 358 -4.37 23.29 3.00
C ILE B 358 -3.97 23.40 1.53
N GLY B 359 -3.57 24.58 1.13
CA GLY B 359 -3.01 24.76 -0.18
C GLY B 359 -3.39 26.06 -0.88
N MET B 360 -4.57 26.59 -0.58
CA MET B 360 -5.01 27.83 -1.17
C MET B 360 -4.16 29.01 -0.79
N ASP B 361 -3.39 28.86 0.26
CA ASP B 361 -2.69 30.00 0.82
C ASP B 361 -1.35 29.45 1.31
N MET B 362 -0.29 30.28 1.28
CA MET B 362 1.03 29.81 1.66
C MET B 362 1.22 29.60 3.15
N THR B 363 0.56 30.43 3.96
CA THR B 363 0.67 30.37 5.41
C THR B 363 0.38 28.96 5.86
N THR B 364 -0.66 28.41 5.30
CA THR B 364 -1.15 27.13 5.70
C THR B 364 -0.10 26.07 5.34
N ILE B 365 0.44 26.13 4.11
CA ILE B 365 1.56 25.25 3.77
C ILE B 365 2.81 25.43 4.70
N PHE B 366 3.22 26.67 4.95
CA PHE B 366 4.36 26.85 5.88
C PHE B 366 4.05 26.27 7.27
N ALA B 367 2.85 26.55 7.78
CA ALA B 367 2.39 26.01 9.09
C ALA B 367 2.43 24.50 9.16
N SER B 368 2.14 23.85 8.03
CA SER B 368 2.21 22.37 7.97
C SER B 368 3.63 21.86 8.11
N ASN B 369 4.59 22.76 8.08
CA ASN B 369 5.98 22.34 8.23
C ASN B 369 6.64 22.76 9.57
N THR B 370 5.79 22.94 10.59
CA THR B 370 6.21 23.31 11.96
C THR B 370 5.47 22.36 12.92
N ARG B 371 5.94 22.31 14.17
CA ARG B 371 5.29 21.54 15.19
C ARG B 371 4.70 22.58 16.14
N LEU B 372 3.38 22.54 16.27
CA LEU B 372 2.67 23.56 17.07
C LEU B 372 1.75 22.96 18.11
N ALA B 373 1.47 21.68 18.00
CA ALA B 373 0.45 21.04 18.79
C ALA B 373 0.94 19.63 18.86
N PRO B 374 0.53 18.87 19.88
CA PRO B 374 0.93 17.47 19.81
C PRO B 374 0.20 16.67 18.71
N ILE B 375 -1.03 17.07 18.39
CA ILE B 375 -1.82 16.42 17.32
C ILE B 375 -2.15 17.45 16.25
N GLN B 376 -1.69 17.19 15.04
CA GLN B 376 -1.83 18.14 13.96
C GLN B 376 -2.49 17.36 12.80
N ALA B 377 -3.56 17.92 12.24
CA ALA B 377 -4.37 17.17 11.29
C ALA B 377 -4.86 18.13 10.22
N ILE B 378 -5.26 17.56 9.07
CA ILE B 378 -5.93 18.38 8.02
C ILE B 378 -7.24 17.74 7.65
N ALA B 379 -8.16 18.52 7.09
CA ALA B 379 -9.22 17.92 6.29
C ALA B 379 -8.94 18.18 4.79
N LEU B 380 -9.88 17.85 3.94
CA LEU B 380 -9.64 17.80 2.52
C LEU B 380 -10.35 18.89 1.73
N GLY B 381 -10.37 20.13 2.18
CA GLY B 381 -10.91 21.24 1.35
C GLY B 381 -10.21 21.34 -0.02
N HIS B 382 -8.93 21.03 -0.05
CA HIS B 382 -8.21 20.70 -1.25
C HIS B 382 -7.80 19.21 -1.14
N PRO B 383 -8.44 18.34 -1.97
CA PRO B 383 -8.36 16.86 -1.70
C PRO B 383 -7.06 16.19 -2.15
N ALA B 384 -6.03 16.25 -1.31
CA ALA B 384 -4.74 15.66 -1.61
C ALA B 384 -3.85 15.71 -0.39
N THR B 385 -3.19 14.58 -0.14
CA THR B 385 -2.18 14.41 0.91
C THR B 385 -1.17 15.54 0.90
N THR B 386 -0.67 15.88 2.09
CA THR B 386 0.33 16.93 2.28
C THR B 386 1.74 16.47 2.03
N HIS B 387 1.98 15.17 2.20
CA HIS B 387 3.33 14.63 2.35
C HIS B 387 4.14 15.43 3.35
N SER B 388 3.48 15.93 4.40
CA SER B 388 4.25 16.55 5.48
C SER B 388 4.38 15.56 6.62
N ASP B 389 5.61 15.41 7.10
CA ASP B 389 5.93 14.64 8.32
C ASP B 389 5.35 15.21 9.63
N PHE B 390 4.94 16.46 9.60
CA PHE B 390 4.38 17.13 10.78
C PHE B 390 2.89 16.96 10.92
N ILE B 391 2.25 16.40 9.90
CA ILE B 391 0.81 16.22 9.93
C ILE B 391 0.56 14.71 10.13
N GLU B 392 -0.18 14.37 11.18
CA GLU B 392 -0.46 13.01 11.59
C GLU B 392 -1.71 12.47 10.91
N TYR B 393 -2.76 13.26 10.92
CA TYR B 393 -4.06 12.78 10.50
C TYR B 393 -4.67 13.58 9.34
N VAL B 394 -5.51 12.88 8.58
CA VAL B 394 -6.44 13.50 7.66
C VAL B 394 -7.87 13.04 8.04
N ILE B 395 -8.72 14.01 8.39
CA ILE B 395 -10.12 13.81 8.58
C ILE B 395 -10.80 13.65 7.22
N VAL B 396 -11.47 12.53 7.02
CA VAL B 396 -12.19 12.26 5.76
C VAL B 396 -13.45 11.36 5.93
N GLU B 397 -14.49 11.64 5.16
CA GLU B 397 -15.69 10.79 5.19
C GLU B 397 -15.37 9.39 4.62
N ASP B 398 -15.80 8.34 5.30
CA ASP B 398 -15.43 6.95 4.93
C ASP B 398 -15.72 6.60 3.42
N ASP B 399 -16.82 7.10 2.89
CA ASP B 399 -17.27 6.71 1.57
C ASP B 399 -16.58 7.52 0.47
N TYR B 400 -15.75 8.48 0.88
CA TYR B 400 -15.01 9.29 -0.06
C TYR B 400 -13.59 8.80 -0.30
N VAL B 401 -13.18 7.77 0.44
CA VAL B 401 -11.79 7.25 0.34
C VAL B 401 -11.65 6.13 -0.69
N GLY B 402 -10.70 6.28 -1.59
CA GLY B 402 -10.35 5.24 -2.54
C GLY B 402 -9.28 4.33 -1.92
N SER B 403 -8.02 4.63 -2.16
CA SER B 403 -7.00 3.82 -1.56
C SER B 403 -6.39 4.61 -0.41
N GLU B 404 -6.02 3.95 0.70
CA GLU B 404 -5.34 4.65 1.81
C GLU B 404 -3.92 4.95 1.46
N GLU B 405 -3.41 4.21 0.51
CA GLU B 405 -2.05 4.41 0.04
C GLU B 405 -1.83 5.77 -0.59
N CYS B 406 -2.93 6.43 -0.98
CA CYS B 406 -2.84 7.75 -1.57
C CYS B 406 -2.38 8.82 -0.60
N PHE B 407 -2.37 8.51 0.70
CA PHE B 407 -2.01 9.51 1.66
C PHE B 407 -0.81 9.12 2.47
N SER B 408 0.02 10.09 2.78
CA SER B 408 1.18 9.81 3.61
C SER B 408 0.71 9.78 5.08
N GLU B 409 -0.39 10.45 5.40
CA GLU B 409 -0.96 10.57 6.78
C GLU B 409 -1.80 9.32 7.19
N THR B 410 -2.17 9.18 8.47
CA THR B 410 -3.18 8.22 8.88
C THR B 410 -4.55 8.87 8.72
N LEU B 411 -5.45 8.16 8.05
CA LEU B 411 -6.72 8.66 7.68
C LEU B 411 -7.64 8.37 8.82
N LEU B 412 -8.32 9.42 9.28
CA LEU B 412 -9.35 9.31 10.27
C LEU B 412 -10.66 9.27 9.50
N ARG B 413 -11.09 8.06 9.18
CA ARG B 413 -12.34 7.80 8.46
C ARG B 413 -13.58 7.96 9.36
N LEU B 414 -14.31 9.04 9.13
CA LEU B 414 -15.49 9.33 9.91
C LEU B 414 -16.72 8.74 9.21
N PRO B 415 -17.82 8.53 9.94
CA PRO B 415 -18.99 8.00 9.29
C PRO B 415 -19.43 8.86 8.10
N LYS B 416 -20.12 8.28 7.13
CA LYS B 416 -20.45 9.06 5.93
C LYS B 416 -21.41 10.21 6.18
N ASP B 417 -21.97 10.30 7.38
CA ASP B 417 -22.96 11.32 7.65
C ASP B 417 -22.36 12.24 8.71
N ALA B 418 -21.07 12.06 8.96
CA ALA B 418 -20.38 12.80 10.02
C ALA B 418 -20.08 14.29 9.69
N LEU B 419 -20.14 14.67 8.40
CA LEU B 419 -19.94 16.09 7.99
C LEU B 419 -21.25 16.71 7.44
N PRO B 420 -22.29 16.77 8.27
CA PRO B 420 -23.52 17.30 7.70
C PRO B 420 -23.36 18.75 7.25
N TYR B 421 -24.10 19.08 6.20
CA TYR B 421 -24.15 20.43 5.62
C TYR B 421 -24.98 21.39 6.44
N VAL B 422 -24.60 22.64 6.34
CA VAL B 422 -25.51 23.73 6.63
C VAL B 422 -26.65 23.83 5.57
N PRO B 423 -27.90 23.86 6.05
CA PRO B 423 -29.15 23.91 5.26
C PRO B 423 -29.31 25.12 4.32
N LYS B 430 -37.94 25.04 -4.75
CA LYS B 430 -38.46 25.84 -5.85
C LYS B 430 -37.68 25.53 -7.14
N VAL B 431 -38.13 24.48 -7.85
CA VAL B 431 -37.45 24.00 -9.08
C VAL B 431 -38.41 23.55 -10.21
N ASP B 432 -38.30 24.21 -11.36
CA ASP B 432 -39.14 23.95 -12.54
C ASP B 432 -38.41 22.97 -13.48
N TYR B 433 -38.77 21.68 -13.42
CA TYR B 433 -38.03 20.62 -14.17
C TYR B 433 -38.32 20.61 -15.67
N LEU B 434 -37.25 20.42 -16.44
CA LEU B 434 -37.32 20.42 -17.89
C LEU B 434 -37.00 19.00 -18.37
N LEU B 435 -38.03 18.27 -18.81
CA LEU B 435 -37.86 16.91 -19.38
C LEU B 435 -38.21 16.87 -20.87
N ARG B 436 -37.28 17.28 -21.72
CA ARG B 436 -37.48 17.31 -23.16
C ARG B 436 -37.61 15.91 -23.74
N GLU B 437 -38.84 15.57 -24.15
CA GLU B 437 -39.16 14.23 -24.66
C GLU B 437 -38.58 13.97 -26.06
N ASN B 438 -38.72 14.97 -26.94
CA ASN B 438 -38.51 14.83 -28.39
C ASN B 438 -37.25 15.57 -28.93
N PRO B 439 -36.03 15.11 -28.52
CA PRO B 439 -34.82 15.91 -28.72
C PRO B 439 -33.98 15.54 -29.98
N GLU B 440 -33.84 16.48 -30.90
CA GLU B 440 -32.93 16.28 -32.06
C GLU B 440 -31.49 16.13 -31.50
N VAL B 441 -31.07 17.12 -30.71
CA VAL B 441 -29.76 17.15 -30.10
C VAL B 441 -29.82 16.81 -28.58
N VAL B 442 -28.88 15.98 -28.12
CA VAL B 442 -28.65 15.79 -26.69
C VAL B 442 -27.63 16.79 -26.17
N ASN B 443 -28.10 17.73 -25.36
CA ASN B 443 -27.24 18.68 -24.67
C ASN B 443 -26.65 18.05 -23.41
N ILE B 444 -25.33 18.09 -23.33
CA ILE B 444 -24.54 17.54 -22.23
C ILE B 444 -23.83 18.65 -21.46
N GLY B 445 -24.18 18.83 -20.21
CA GLY B 445 -23.56 19.85 -19.42
C GLY B 445 -22.30 19.37 -18.76
N ILE B 446 -21.34 20.30 -18.61
CA ILE B 446 -20.14 20.04 -17.83
C ILE B 446 -19.86 21.22 -16.96
N ALA B 447 -19.80 20.97 -15.67
CA ALA B 447 -19.38 22.01 -14.73
C ALA B 447 -17.92 21.72 -14.40
N SER B 448 -17.06 22.72 -14.53
CA SER B 448 -15.63 22.47 -14.45
C SER B 448 -14.81 23.73 -14.35
N THR B 449 -13.81 23.74 -13.48
CA THR B 449 -12.83 24.84 -13.50
C THR B 449 -11.82 24.54 -14.56
N THR B 450 -11.01 25.52 -14.87
CA THR B 450 -10.01 25.33 -15.89
C THR B 450 -8.99 24.25 -15.49
N MET B 451 -8.65 24.15 -14.21
CA MET B 451 -7.62 23.22 -13.77
C MET B 451 -8.03 21.78 -14.06
N LYS B 452 -9.33 21.53 -14.06
CA LYS B 452 -9.85 20.13 -14.21
C LYS B 452 -9.82 19.63 -15.68
N LEU B 453 -9.52 20.54 -16.59
CA LEU B 453 -9.50 20.24 -18.01
C LEU B 453 -8.14 19.64 -18.40
N ASN B 454 -8.11 18.63 -19.24
CA ASN B 454 -6.86 17.99 -19.58
C ASN B 454 -7.08 17.22 -20.88
N PRO B 455 -5.99 16.70 -21.51
CA PRO B 455 -6.22 16.05 -22.79
C PRO B 455 -6.96 14.72 -22.71
N TYR B 456 -6.90 14.01 -21.58
CA TYR B 456 -7.57 12.75 -21.49
C TYR B 456 -9.07 12.92 -21.41
N PHE B 457 -9.49 13.93 -20.67
CA PHE B 457 -10.89 14.17 -20.45
C PHE B 457 -11.48 14.66 -21.75
N LEU B 458 -10.82 15.61 -22.39
CA LEU B 458 -11.29 16.16 -23.65
C LEU B 458 -11.36 15.14 -24.80
N GLU B 459 -10.38 14.23 -24.80
CA GLU B 459 -10.32 13.13 -25.74
C GLU B 459 -11.48 12.18 -25.49
N ALA B 460 -11.86 11.97 -24.22
CA ALA B 460 -13.03 11.10 -23.93
C ALA B 460 -14.28 11.76 -24.45
N LEU B 461 -14.34 13.08 -24.34
CA LEU B 461 -15.50 13.86 -24.79
C LEU B 461 -15.67 13.76 -26.31
N LYS B 462 -14.57 13.93 -27.04
CA LYS B 462 -14.57 13.74 -28.48
C LYS B 462 -14.99 12.32 -28.86
N ALA B 463 -14.50 11.32 -28.11
CA ALA B 463 -14.88 9.91 -28.37
C ALA B 463 -16.41 9.74 -28.20
N ILE B 464 -16.96 10.33 -27.15
CA ILE B 464 -18.42 10.35 -26.95
C ILE B 464 -19.21 10.99 -28.12
N ARG B 465 -18.77 12.17 -28.55
CA ARG B 465 -19.38 12.82 -29.69
C ARG B 465 -19.30 11.92 -30.95
N ASP B 466 -18.17 11.22 -31.13
CA ASP B 466 -17.92 10.46 -32.36
C ASP B 466 -18.65 9.11 -32.37
N ARG B 467 -18.82 8.50 -31.21
CA ARG B 467 -19.46 7.22 -31.17
C ARG B 467 -20.95 7.25 -31.00
N ALA B 468 -21.50 8.34 -30.50
CA ALA B 468 -22.94 8.41 -30.30
C ALA B 468 -23.67 8.35 -31.65
N LYS B 469 -24.76 7.62 -31.70
CA LYS B 469 -25.64 7.60 -32.89
C LYS B 469 -26.55 8.83 -32.93
N VAL B 470 -26.45 9.68 -31.92
CA VAL B 470 -27.28 10.87 -31.80
C VAL B 470 -26.37 12.08 -31.83
N LYS B 471 -26.93 13.22 -32.13
CA LYS B 471 -26.21 14.45 -32.19
C LYS B 471 -26.07 14.91 -30.74
N VAL B 472 -24.83 15.24 -30.30
CA VAL B 472 -24.65 15.80 -28.96
C VAL B 472 -23.98 17.19 -29.00
N HIS B 473 -24.37 18.04 -28.07
CA HIS B 473 -23.77 19.30 -27.89
C HIS B 473 -23.27 19.42 -26.46
N PHE B 474 -21.99 19.78 -26.27
CA PHE B 474 -21.50 20.00 -24.94
C PHE B 474 -21.56 21.46 -24.48
N HIS B 475 -22.14 21.72 -23.33
CA HIS B 475 -22.12 23.03 -22.72
C HIS B 475 -21.26 22.97 -21.46
N PHE B 476 -20.15 23.71 -21.48
CA PHE B 476 -19.22 23.85 -20.39
C PHE B 476 -19.44 25.10 -19.60
N ALA B 477 -19.74 24.95 -18.32
CA ALA B 477 -19.79 26.08 -17.48
C ALA B 477 -18.42 26.14 -16.86
N LEU B 478 -17.56 27.06 -17.31
CA LEU B 478 -16.20 27.07 -16.82
C LEU B 478 -16.05 28.01 -15.65
N GLY B 479 -16.20 27.42 -14.47
CA GLY B 479 -15.97 28.15 -13.20
C GLY B 479 -14.60 28.83 -13.26
N GLN B 480 -14.58 30.16 -13.10
CA GLN B 480 -13.33 30.95 -13.07
C GLN B 480 -12.66 31.14 -14.41
N SER B 481 -13.31 30.74 -15.50
CA SER B 481 -12.76 31.05 -16.82
C SER B 481 -13.09 32.50 -17.14
N ASN B 482 -12.07 33.28 -17.44
CA ASN B 482 -12.14 34.68 -17.17
C ASN B 482 -11.12 35.43 -17.99
N GLY B 483 -11.48 36.60 -18.51
CA GLY B 483 -10.53 37.54 -19.08
C GLY B 483 -9.60 36.95 -20.13
N ILE B 484 -8.29 37.05 -19.96
CA ILE B 484 -7.33 36.51 -20.95
C ILE B 484 -7.17 34.96 -20.94
N THR B 485 -7.71 34.29 -19.95
CA THR B 485 -7.66 32.83 -19.94
C THR B 485 -8.69 32.23 -20.91
N HIS B 486 -9.85 32.86 -21.02
CA HIS B 486 -11.01 32.24 -21.66
C HIS B 486 -10.88 31.93 -23.15
N PRO B 487 -10.26 32.83 -23.93
CA PRO B 487 -10.19 32.53 -25.36
C PRO B 487 -9.35 31.31 -25.71
N TYR B 488 -8.28 31.14 -24.96
CA TYR B 488 -7.36 30.04 -25.06
C TYR B 488 -8.07 28.77 -24.67
N VAL B 489 -8.76 28.74 -23.54
CA VAL B 489 -9.59 27.60 -23.13
C VAL B 489 -10.63 27.21 -24.21
N GLU B 490 -11.36 28.18 -24.69
CA GLU B 490 -12.28 27.96 -25.81
C GLU B 490 -11.65 27.33 -27.06
N ARG B 491 -10.48 27.81 -27.51
CA ARG B 491 -9.77 27.17 -28.65
C ARG B 491 -9.35 25.74 -28.35
N PHE B 492 -8.90 25.50 -27.13
CA PHE B 492 -8.52 24.17 -26.70
C PHE B 492 -9.75 23.24 -26.85
N ILE B 493 -10.88 23.70 -26.31
CA ILE B 493 -12.09 22.96 -26.40
C ILE B 493 -12.51 22.68 -27.83
N LYS B 494 -12.59 23.72 -28.65
CA LYS B 494 -13.04 23.51 -30.04
C LYS B 494 -12.03 22.67 -30.77
N SER B 495 -10.76 22.70 -30.36
CA SER B 495 -9.77 21.85 -31.05
C SER B 495 -10.16 20.36 -31.06
N TYR B 496 -10.94 19.93 -30.06
CA TYR B 496 -11.43 18.56 -29.92
C TYR B 496 -12.88 18.45 -30.42
N LEU B 497 -13.70 19.48 -30.21
CA LEU B 497 -15.17 19.36 -30.30
C LEU B 497 -15.85 20.21 -31.35
N GLY B 498 -15.10 21.16 -31.96
CA GLY B 498 -15.60 21.94 -33.11
C GLY B 498 -16.90 22.62 -32.74
N ASP B 499 -17.87 22.66 -33.65
CA ASP B 499 -19.23 23.16 -33.32
C ASP B 499 -20.04 22.34 -32.32
N SER B 500 -19.55 21.18 -31.90
CA SER B 500 -20.28 20.46 -30.90
C SER B 500 -20.08 20.85 -29.44
N ALA B 501 -19.48 22.01 -29.18
CA ALA B 501 -19.25 22.47 -27.79
C ALA B 501 -19.45 23.96 -27.60
N THR B 502 -19.94 24.35 -26.43
CA THR B 502 -20.01 25.77 -26.14
C THR B 502 -19.29 25.98 -24.84
N ALA B 503 -18.49 27.05 -24.79
CA ALA B 503 -17.59 27.30 -23.65
C ALA B 503 -18.05 28.53 -22.96
N HIS B 504 -18.86 28.35 -21.92
CA HIS B 504 -19.38 29.44 -21.16
C HIS B 504 -18.33 29.94 -20.21
N PRO B 505 -18.09 31.23 -20.25
CA PRO B 505 -17.11 31.74 -19.28
C PRO B 505 -17.73 31.67 -17.88
N HIS B 506 -16.97 32.04 -16.85
CA HIS B 506 -17.50 32.11 -15.50
C HIS B 506 -18.83 32.84 -15.34
N SER B 507 -19.82 32.16 -14.73
CA SER B 507 -21.13 32.72 -14.42
C SER B 507 -21.37 32.78 -12.92
N PRO B 508 -22.08 33.83 -12.46
CA PRO B 508 -22.65 33.84 -11.11
C PRO B 508 -23.55 32.62 -10.96
N TYR B 509 -23.74 32.18 -9.73
CA TYR B 509 -24.43 30.94 -9.46
C TYR B 509 -25.80 30.79 -10.16
N HIS B 510 -26.67 31.80 -10.10
CA HIS B 510 -27.97 31.66 -10.73
C HIS B 510 -27.94 31.51 -12.23
N GLN B 511 -26.98 32.14 -12.91
CA GLN B 511 -26.80 31.96 -14.34
C GLN B 511 -26.19 30.60 -14.71
N TYR B 512 -25.29 30.10 -13.89
CA TYR B 512 -24.73 28.77 -14.07
C TYR B 512 -25.84 27.71 -14.04
N LEU B 513 -26.73 27.77 -13.04
CA LEU B 513 -27.83 26.82 -12.90
C LEU B 513 -28.67 26.79 -14.15
N ARG B 514 -28.92 27.96 -14.70
CA ARG B 514 -29.70 28.09 -15.90
C ARG B 514 -29.02 27.47 -17.13
N ILE B 515 -27.71 27.59 -17.25
CA ILE B 515 -26.99 26.90 -18.32
C ILE B 515 -27.18 25.38 -18.24
N LEU B 516 -27.12 24.82 -17.03
CA LEU B 516 -27.30 23.39 -16.77
C LEU B 516 -28.76 23.02 -16.91
N HIS B 517 -29.62 23.94 -16.52
CA HIS B 517 -31.05 23.66 -16.56
C HIS B 517 -31.48 23.45 -18.00
N ASN B 518 -30.67 23.88 -18.96
CA ASN B 518 -30.95 23.74 -20.40
C ASN B 518 -30.36 22.42 -20.91
N CYS B 519 -29.77 21.66 -20.02
CA CYS B 519 -29.16 20.44 -20.45
C CYS B 519 -30.06 19.22 -20.21
N ASP B 520 -29.75 18.17 -20.96
CA ASP B 520 -30.41 16.86 -20.86
C ASP B 520 -29.72 15.81 -19.98
N MET B 521 -28.40 15.88 -19.84
CA MET B 521 -27.61 14.98 -19.01
C MET B 521 -26.25 15.66 -18.77
N MET B 522 -25.44 15.18 -17.83
CA MET B 522 -24.11 15.72 -17.57
C MET B 522 -23.03 14.65 -17.56
N VAL B 523 -21.79 15.07 -17.64
CA VAL B 523 -20.66 14.21 -17.51
C VAL B 523 -19.64 14.99 -16.68
N ASN B 524 -18.84 14.29 -15.90
CA ASN B 524 -17.99 14.95 -14.90
C ASN B 524 -16.54 14.83 -15.30
N PRO B 525 -15.72 15.86 -15.02
CA PRO B 525 -14.30 15.71 -15.33
C PRO B 525 -13.61 14.62 -14.52
N PHE B 526 -12.47 14.18 -15.00
CA PHE B 526 -11.64 13.22 -14.35
C PHE B 526 -10.21 13.62 -14.77
N PRO B 527 -9.21 13.34 -13.92
CA PRO B 527 -9.26 12.60 -12.66
C PRO B 527 -9.75 13.49 -11.51
N PHE B 528 -9.65 14.78 -11.63
CA PHE B 528 -10.20 15.57 -10.54
C PHE B 528 -11.66 15.88 -10.78
N GLY B 529 -12.53 15.17 -10.02
CA GLY B 529 -14.01 15.23 -10.15
C GLY B 529 -14.64 16.48 -9.57
N ASN B 530 -15.97 16.47 -9.39
CA ASN B 530 -16.74 17.58 -8.81
C ASN B 530 -17.34 17.12 -7.53
N THR B 531 -17.81 18.08 -6.74
CA THR B 531 -18.53 17.82 -5.53
C THR B 531 -19.84 18.56 -5.57
N ASN B 532 -19.79 19.84 -5.37
CA ASN B 532 -20.99 20.61 -5.31
C ASN B 532 -21.77 20.55 -6.63
N GLY B 533 -21.07 20.50 -7.75
CA GLY B 533 -21.71 20.29 -9.04
C GLY B 533 -22.60 19.02 -9.14
N ILE B 534 -22.30 17.97 -8.38
CA ILE B 534 -23.13 16.77 -8.41
C ILE B 534 -24.43 17.11 -7.64
N ILE B 535 -24.22 17.71 -6.49
CA ILE B 535 -25.38 18.29 -5.80
C ILE B 535 -26.28 19.21 -6.71
N ASP B 536 -25.67 20.05 -7.55
CA ASP B 536 -26.44 20.95 -8.42
C ASP B 536 -27.20 20.15 -9.48
N MET B 537 -26.48 19.27 -10.16
CA MET B 537 -27.04 18.31 -11.11
C MET B 537 -28.34 17.66 -10.60
N VAL B 538 -28.27 17.07 -9.41
CA VAL B 538 -29.42 16.33 -8.85
C VAL B 538 -30.56 17.26 -8.54
N THR B 539 -30.26 18.43 -7.98
CA THR B 539 -31.27 19.48 -7.67
C THR B 539 -32.04 19.80 -8.92
N LEU B 540 -31.33 19.81 -10.05
CA LEU B 540 -31.94 20.11 -11.33
C LEU B 540 -32.69 18.91 -11.93
N GLY B 541 -32.59 17.75 -11.32
CA GLY B 541 -33.23 16.57 -11.88
C GLY B 541 -32.46 16.07 -13.07
N LEU B 542 -31.16 16.31 -13.06
CA LEU B 542 -30.33 15.79 -14.11
C LEU B 542 -29.59 14.53 -13.59
N VAL B 543 -29.07 13.72 -14.48
CA VAL B 543 -28.15 12.66 -14.09
C VAL B 543 -26.96 12.78 -15.04
N GLY B 544 -25.87 12.12 -14.69
CA GLY B 544 -24.58 12.29 -15.36
C GLY B 544 -23.72 11.06 -15.18
N VAL B 545 -22.62 10.99 -15.91
CA VAL B 545 -21.70 9.88 -15.79
C VAL B 545 -20.48 10.44 -15.11
N CYS B 546 -19.87 9.68 -14.21
CA CYS B 546 -18.62 10.09 -13.60
C CYS B 546 -17.60 8.96 -13.73
N LYS B 547 -16.33 9.26 -13.41
CA LYS B 547 -15.29 8.21 -13.31
C LYS B 547 -14.76 8.11 -11.89
N THR B 548 -14.69 6.90 -11.34
CA THR B 548 -14.13 6.72 -9.99
C THR B 548 -12.61 6.47 -10.04
N GLY B 549 -11.99 6.36 -8.88
CA GLY B 549 -10.55 6.04 -8.82
C GLY B 549 -9.99 5.98 -7.42
N ALA B 550 -8.68 5.79 -7.33
CA ALA B 550 -7.95 5.66 -6.06
C ALA B 550 -7.86 6.96 -5.21
N GLU B 551 -7.45 8.08 -5.80
CA GLU B 551 -7.47 9.36 -5.02
C GLU B 551 -8.84 9.73 -4.49
N VAL B 552 -8.84 10.54 -3.44
CA VAL B 552 -10.10 11.07 -2.91
C VAL B 552 -10.75 11.93 -3.97
N HIS B 553 -9.99 12.78 -4.64
CA HIS B 553 -10.61 13.70 -5.60
C HIS B 553 -11.15 12.96 -6.84
N GLU B 554 -10.80 11.69 -6.94
CA GLU B 554 -11.41 10.81 -7.91
C GLU B 554 -12.57 10.10 -7.27
N HIS B 555 -12.48 9.80 -5.99
CA HIS B 555 -13.42 8.84 -5.44
C HIS B 555 -14.68 9.50 -4.95
N ILE B 556 -14.60 10.80 -4.68
CA ILE B 556 -15.74 11.60 -4.20
C ILE B 556 -16.99 11.41 -5.00
N ASP B 557 -16.84 11.41 -6.32
CA ASP B 557 -17.97 11.41 -7.22
C ASP B 557 -18.72 10.07 -7.02
N GLU B 558 -17.99 9.00 -6.78
CA GLU B 558 -18.63 7.73 -6.55
C GLU B 558 -19.37 7.69 -5.21
N GLY B 559 -18.75 8.10 -4.12
CA GLY B 559 -19.48 8.11 -2.86
C GLY B 559 -20.65 9.08 -2.91
N LEU B 560 -20.52 10.18 -3.60
CA LEU B 560 -21.59 11.16 -3.67
C LEU B 560 -22.75 10.68 -4.56
N PHE B 561 -22.44 10.10 -5.73
CA PHE B 561 -23.49 9.39 -6.48
C PHE B 561 -24.34 8.49 -5.58
N LYS B 562 -23.69 7.76 -4.67
CA LYS B 562 -24.34 6.76 -3.83
C LYS B 562 -25.17 7.32 -2.67
N ARG B 563 -24.67 8.41 -2.07
CA ARG B 563 -25.49 9.13 -1.09
C ARG B 563 -26.77 9.60 -1.75
N LEU B 564 -26.65 10.10 -2.98
CA LEU B 564 -27.72 10.85 -3.64
C LEU B 564 -28.78 9.94 -4.22
N GLY B 565 -28.43 8.65 -4.37
CA GLY B 565 -29.30 7.65 -4.95
C GLY B 565 -29.12 7.39 -6.45
N LEU B 566 -28.03 7.86 -7.06
CA LEU B 566 -27.86 7.67 -8.52
C LEU B 566 -27.47 6.22 -8.85
N PRO B 567 -28.03 5.59 -9.91
CA PRO B 567 -27.59 4.16 -10.07
C PRO B 567 -26.11 4.00 -10.37
N GLU B 568 -25.55 2.92 -9.82
CA GLU B 568 -24.14 2.60 -9.90
C GLU B 568 -23.59 2.54 -11.33
N TRP B 569 -24.37 2.06 -12.31
CA TRP B 569 -23.92 2.05 -13.72
C TRP B 569 -23.45 3.40 -14.22
N LEU B 570 -23.86 4.49 -13.57
CA LEU B 570 -23.38 5.78 -14.01
C LEU B 570 -21.93 6.08 -13.56
N ILE B 571 -21.31 5.16 -12.81
CA ILE B 571 -19.98 5.34 -12.22
C ILE B 571 -19.01 4.44 -12.94
N ALA B 572 -18.19 5.00 -13.81
CA ALA B 572 -17.27 4.19 -14.57
C ALA B 572 -15.91 4.02 -13.86
N ASN B 573 -15.26 2.89 -14.08
CA ASN B 573 -13.97 2.63 -13.48
C ASN B 573 -12.87 3.00 -14.46
N THR B 574 -13.14 2.88 -15.75
CA THR B 574 -12.13 3.05 -16.79
C THR B 574 -12.60 4.17 -17.73
N VAL B 575 -11.69 4.80 -18.47
CA VAL B 575 -12.07 5.77 -19.48
C VAL B 575 -13.03 5.13 -20.51
N ASP B 576 -12.74 3.90 -20.94
CA ASP B 576 -13.60 3.17 -21.89
C ASP B 576 -15.01 3.08 -21.38
N GLU B 577 -15.16 2.74 -20.09
CA GLU B 577 -16.48 2.64 -19.48
C GLU B 577 -17.13 3.99 -19.46
N TYR B 578 -16.34 5.03 -19.18
CA TYR B 578 -16.89 6.38 -19.16
C TYR B 578 -17.51 6.74 -20.47
N VAL B 579 -16.84 6.40 -21.56
CA VAL B 579 -17.33 6.74 -22.87
C VAL B 579 -18.57 5.94 -23.20
N GLU B 580 -18.53 4.63 -22.94
CA GLU B 580 -19.66 3.73 -23.24
C GLU B 580 -20.94 4.15 -22.59
N ARG B 581 -20.84 4.48 -21.31
CA ARG B 581 -22.03 4.77 -20.51
C ARG B 581 -22.51 6.16 -20.81
N ALA B 582 -21.60 7.10 -21.08
CA ALA B 582 -22.06 8.45 -21.49
C ALA B 582 -22.90 8.32 -22.80
N VAL B 583 -22.37 7.55 -23.76
CA VAL B 583 -23.01 7.40 -25.04
C VAL B 583 -24.39 6.73 -24.87
N ARG B 584 -24.44 5.74 -23.99
CA ARG B 584 -25.71 5.10 -23.61
C ARG B 584 -26.67 6.10 -23.00
N LEU B 585 -26.20 6.93 -22.08
CA LEU B 585 -27.11 7.86 -21.46
C LEU B 585 -27.68 8.80 -22.51
N ALA B 586 -26.87 9.13 -23.54
CA ALA B 586 -27.30 10.03 -24.61
C ALA B 586 -28.23 9.36 -25.65
N GLU B 587 -27.94 8.11 -26.03
CA GLU B 587 -28.70 7.41 -27.05
C GLU B 587 -30.07 6.91 -26.55
N ASN B 588 -30.11 6.45 -25.32
CA ASN B 588 -31.34 5.87 -24.78
C ASN B 588 -32.22 6.94 -24.13
N HIS B 589 -33.01 7.59 -24.97
CA HIS B 589 -33.71 8.80 -24.55
C HIS B 589 -34.72 8.45 -23.50
N GLN B 590 -35.39 7.32 -23.77
CA GLN B 590 -36.50 6.83 -22.99
C GLN B 590 -35.97 6.38 -21.65
N GLU B 591 -34.84 5.64 -21.66
CA GLU B 591 -34.23 5.20 -20.40
C GLU B 591 -33.74 6.38 -19.51
N ARG B 592 -33.21 7.42 -20.14
CA ARG B 592 -32.68 8.60 -19.46
C ARG B 592 -33.81 9.43 -18.87
N LEU B 593 -34.84 9.71 -19.67
CA LEU B 593 -36.01 10.38 -19.14
C LEU B 593 -36.62 9.66 -17.95
N GLU B 594 -36.77 8.34 -18.03
CA GLU B 594 -37.31 7.54 -16.95
C GLU B 594 -36.39 7.67 -15.75
N LEU B 595 -35.08 7.54 -15.97
CA LEU B 595 -34.11 7.77 -14.87
C LEU B 595 -34.22 9.16 -14.19
N ARG B 596 -34.30 10.23 -14.96
CA ARG B 596 -34.40 11.56 -14.36
C ARG B 596 -35.65 11.71 -13.50
N ARG B 597 -36.79 11.28 -14.04
CA ARG B 597 -38.07 11.37 -13.35
C ARG B 597 -37.90 10.61 -12.04
N TYR B 598 -37.19 9.49 -12.10
CA TYR B 598 -36.99 8.71 -10.91
C TYR B 598 -36.10 9.42 -9.89
N ILE B 599 -35.09 10.15 -10.34
CA ILE B 599 -34.22 10.77 -9.36
C ILE B 599 -34.89 11.96 -8.71
N ILE B 600 -35.66 12.70 -9.50
CA ILE B 600 -36.40 13.86 -9.04
C ILE B 600 -37.32 13.43 -7.87
N GLU B 601 -37.90 12.24 -8.00
CA GLU B 601 -38.83 11.81 -7.02
C GLU B 601 -38.19 11.01 -5.90
N ASN B 602 -37.01 10.41 -6.12
CA ASN B 602 -36.30 9.64 -5.06
C ASN B 602 -34.81 9.84 -5.12
N ASN B 603 -34.33 10.82 -4.40
CA ASN B 603 -32.90 11.04 -4.35
C ASN B 603 -32.57 11.26 -2.90
N GLY B 604 -31.29 11.29 -2.57
CA GLY B 604 -30.87 11.44 -1.19
C GLY B 604 -30.39 12.81 -0.80
N LEU B 605 -30.83 13.86 -1.51
CA LEU B 605 -30.46 15.25 -1.18
C LEU B 605 -30.58 15.54 0.30
N ASN B 606 -31.74 15.26 0.89
CA ASN B 606 -32.04 15.56 2.29
C ASN B 606 -31.01 15.00 3.26
N THR B 607 -30.58 13.75 3.01
CA THR B 607 -29.55 13.10 3.82
C THR B 607 -28.21 13.88 3.97
N LEU B 608 -27.98 14.87 3.12
CA LEU B 608 -26.78 15.72 3.29
C LEU B 608 -26.84 16.70 4.48
N PHE B 609 -28.00 16.79 5.09
CA PHE B 609 -28.28 17.77 6.13
C PHE B 609 -28.55 17.10 7.44
N THR B 610 -29.06 15.88 7.38
CA THR B 610 -29.34 15.09 8.57
C THR B 610 -27.99 14.58 9.02
N GLY B 611 -27.88 13.76 10.04
CA GLY B 611 -26.51 13.22 10.22
C GLY B 611 -25.88 13.81 11.44
N ASP B 612 -25.16 12.96 12.15
CA ASP B 612 -24.62 13.32 13.48
C ASP B 612 -23.17 13.86 13.36
N PRO B 613 -23.01 15.14 13.67
CA PRO B 613 -21.76 15.83 13.42
C PRO B 613 -20.72 15.67 14.49
N ARG B 614 -20.94 14.79 15.47
CA ARG B 614 -20.04 14.67 16.63
C ARG B 614 -18.75 13.85 16.45
N PRO B 615 -18.68 12.96 15.42
CA PRO B 615 -17.45 12.16 15.34
C PRO B 615 -16.13 12.92 15.26
N MET B 616 -16.01 14.03 14.51
CA MET B 616 -14.69 14.67 14.38
C MET B 616 -14.15 15.04 15.76
N GLY B 617 -14.99 15.67 16.55
CA GLY B 617 -14.57 16.09 17.85
C GLY B 617 -14.25 14.90 18.70
N GLN B 618 -15.08 13.87 18.60
CA GLN B 618 -14.94 12.69 19.42
C GLN B 618 -13.64 12.00 19.11
N VAL B 619 -13.27 11.88 17.84
CA VAL B 619 -12.04 11.22 17.50
C VAL B 619 -10.77 12.00 17.87
N PHE B 620 -10.81 13.33 17.89
CA PHE B 620 -9.60 14.02 18.28
C PHE B 620 -9.34 13.83 19.75
N LEU B 621 -10.42 13.89 20.52
CA LEU B 621 -10.36 13.61 21.94
C LEU B 621 -9.82 12.23 22.30
N GLU B 622 -10.32 11.19 21.64
CA GLU B 622 -9.73 9.86 21.78
C GLU B 622 -8.22 9.84 21.53
N LYS B 623 -7.77 10.53 20.49
CA LYS B 623 -6.35 10.60 20.20
C LYS B 623 -5.59 11.39 21.25
N LEU B 624 -6.21 12.42 21.79
CA LEU B 624 -5.55 13.26 22.78
C LEU B 624 -5.35 12.51 24.08
N ASN B 625 -6.39 11.81 24.53
CA ASN B 625 -6.32 10.95 25.70
C ASN B 625 -5.30 9.85 25.57
N ALA B 626 -5.21 9.22 24.39
CA ALA B 626 -4.13 8.24 24.20
C ALA B 626 -2.75 8.89 24.31
N PHE B 627 -2.60 10.10 23.81
CA PHE B 627 -1.31 10.80 23.86
C PHE B 627 -1.02 11.20 25.30
N LEU B 628 -2.08 11.49 26.04
CA LEU B 628 -1.94 11.98 27.42
C LEU B 628 -1.80 10.90 28.46
N LYS B 629 -2.54 9.81 28.34
CA LYS B 629 -2.37 8.76 29.32
C LYS B 629 -0.94 8.27 29.32
N GLU B 630 -0.31 8.23 28.16
CA GLU B 630 1.13 7.96 28.07
C GLU B 630 1.98 9.21 28.41
N1 UDP C . 3.34 -37.67 10.82
C2 UDP C . 4.03 -38.82 11.27
N3 UDP C . 4.58 -38.84 12.54
C4 UDP C . 4.44 -37.76 13.35
C5 UDP C . 3.74 -36.61 12.94
C6 UDP C . 3.16 -36.61 11.69
O2 UDP C . 4.19 -39.85 10.60
O4 UDP C . 4.95 -37.85 14.46
C1' UDP C . 2.70 -37.60 9.48
C2' UDP C . 1.26 -38.06 9.65
O2' UDP C . 0.88 -38.92 8.60
C3' UDP C . 0.38 -36.84 9.51
C4' UDP C . 1.27 -35.81 8.79
O4' UDP C . 2.62 -36.28 8.95
O3' UDP C . -0.66 -37.26 8.67
C5' UDP C . 1.06 -34.34 9.23
O5' UDP C . 1.74 -33.43 8.34
PA UDP C . 1.45 -31.82 8.13
O1A UDP C . 2.67 -31.12 7.68
O2A UDP C . 0.90 -31.22 9.38
O3A UDP C . 0.46 -31.55 6.88
PB UDP C . -1.07 -32.04 6.90
O1B UDP C . -1.56 -32.22 8.31
O2B UDP C . -1.96 -31.12 6.13
O3B UDP C . -0.95 -33.29 6.11
N1 UDP D . -19.75 27.66 -10.43
C2 UDP D . -20.36 28.88 -10.68
N3 UDP D . -20.32 29.38 -11.96
C4 UDP D . -19.70 28.71 -12.98
C5 UDP D . -19.10 27.46 -12.70
C6 UDP D . -19.45 26.84 -11.52
O2 UDP D . -20.95 29.56 -9.81
O4 UDP D . -19.72 29.24 -14.09
C1' UDP D . -19.70 27.11 -9.05
C2' UDP D . -21.02 26.59 -8.54
O2' UDP D . -21.11 27.11 -7.24
C3' UDP D . -20.85 25.09 -8.54
C4' UDP D . -19.34 24.93 -8.47
O4' UDP D . -18.73 26.10 -8.95
O3' UDP D . -21.43 24.55 -7.40
C5' UDP D . -18.80 23.71 -9.18
O5' UDP D . -18.42 23.02 -8.01
PA UDP D . -17.24 21.95 -7.86
O1A UDP D . -16.36 22.12 -9.01
O2A UDP D . -17.95 20.67 -7.77
O3A UDP D . -16.32 22.38 -6.60
PB UDP D . -16.83 22.96 -5.17
O1B UDP D . -15.72 23.56 -4.34
O2B UDP D . -17.82 24.06 -5.36
O3B UDP D . -17.44 21.77 -4.47
C1 GOL E . 9.56 36.38 5.17
O1 GOL E . 8.54 36.66 6.11
C2 GOL E . 8.93 36.03 3.83
O2 GOL E . 9.75 35.18 3.02
C3 GOL E . 8.35 37.27 3.15
O3 GOL E . 6.93 37.06 3.03
C1 GOL F . -14.39 29.56 -1.12
O1 GOL F . -14.72 30.15 0.13
C2 GOL F . -14.47 28.06 -0.91
O2 GOL F . -14.65 27.83 0.48
C3 GOL F . -15.64 27.40 -1.67
O3 GOL F . -16.32 28.11 -2.71
#